data_9Q8N
#
_entry.id   9Q8N
#
_cell.length_a   1.00
_cell.length_b   1.00
_cell.length_c   1.00
_cell.angle_alpha   90.00
_cell.angle_beta   90.00
_cell.angle_gamma   90.00
#
_symmetry.space_group_name_H-M   'P 1'
#
loop_
_entity.id
_entity.type
_entity.pdbx_description
1 polymer 'LPS-assembly protein LptD'
2 polymer 'LPS-assembly lipoprotein LptE'
3 polymer 'Compound 16 - Bicyclic Peptide Binder'
4 non-polymer DODECYL-BETA-D-MALTOSIDE
5 non-polymer 'PALMITIC ACID'
6 non-polymer '(2S)-3-hydroxypropane-1,2-diyl dihexadecanoate'
7 non-polymer 1,3,5-tris(2-chloroethylsulfonyl)-1,3,5-triazinane
#
loop_
_entity_poly.entity_id
_entity_poly.type
_entity_poly.pdbx_seq_one_letter_code
_entity_poly.pdbx_strand_id
1 'polypeptide(L)'
;ADLASQCMLGVPSYDRPLVQGDTNDLPVTINADHAKGDYPDDAVFTGSVDIMQGNSRLQADEVQLHQKEAPGQPEPVRTV
DALGNVHYDDNQVILKGPKGWANLNTKDTNVWEGDYQMVGRQGRGKADLMKQRGENRYTILDNGSFTSCLPGSDTWSVVG
SEIIHDREEQVAEIWNARFKVGPVPIFYSPYLQLPVGDKRRSGFLIPNAKYTTTNYFEFYLPYYWNIAPNMDATITPHYM
HRRGNIMWENEFRYLSQAGAGLMELDYLPSDKVYEDEHPNDDSSRRWLFYWNHSGVMDQVWRFNVDYTKVSDPSYFNDFD
NKYGSSTDGYATQKFSVGYAVQNFNATVSTKQFQVFSEQNTSSYSAEPQLDVNYYQNDVGPFDTRIYGQAVHFVNTRDDM
PEATRVHLEPTINLPLSNNWGSINTEAKFLATHYQQTNLDWYNSRNTTKLDESVNRVMPQFKVDGKMVFERDMEMLAPGY
TQTLEPRAQYLYVPYRDQSDIYNYDSSLLQSDYSGLFRDRTYGGLDRIASANQVTTGVTSRIYDDAAVERFNISVGQIYY
FTESRTGDDNITWENDDKTGSLVWAGDTYWRISERWGLRGGIQYDTRLDNVATSNSSIEYRRDEDRLVQLNYHYASPEYI
QATLPKYYSTAEQYKNGISQVGAVASRPIADRWSIVGAYYYDTNANKQADSMLGVQYSSCCYAIRVGYERKLNGWDNDKQ
HAVYDNAIGFNIELRGLSSNYGLGTQEMLRSNILPYQNTL
;
A
2 'polypeptide(L)'
;CGWHLRDTTQVPSTMKVMILDSGDPNGPLSRAVRNQLRLNGVELLDKETTRKDVPSLRLGKVSIAKDTASVFRNGQTAEY
QMIMTVNATVLIPGRDIYPISAKVFRSFFDNPQMALAKDNEQDMIVKEMYDRAAEQLIRKLPSIRAADIRS
;
B
3 'polypeptide(L)' ACEWCIFWYDPKLCA(NH2) C
#
# COMPACT_ATOMS: atom_id res chain seq x y z
N ASP A 198 -6.87 -32.59 21.32
CA ASP A 198 -7.72 -33.45 20.51
C ASP A 198 -6.89 -34.42 19.69
N LYS A 199 -6.55 -35.56 20.29
CA LYS A 199 -5.71 -36.54 19.62
C LYS A 199 -6.38 -37.09 18.36
N ARG A 200 -7.70 -37.01 18.28
CA ARG A 200 -8.39 -37.48 17.08
C ARG A 200 -8.13 -36.56 15.90
N ARG A 201 -8.05 -35.26 16.14
CA ARG A 201 -7.87 -34.28 15.08
C ARG A 201 -6.41 -33.88 14.86
N SER A 202 -5.47 -34.51 15.57
CA SER A 202 -4.06 -34.21 15.44
C SER A 202 -3.32 -35.42 14.87
N GLY A 203 -2.55 -35.19 13.82
CA GLY A 203 -1.81 -36.27 13.20
C GLY A 203 -1.02 -35.77 12.01
N PHE A 204 -0.45 -36.72 11.27
CA PHE A 204 0.37 -36.39 10.12
C PHE A 204 -0.49 -35.93 8.95
N LEU A 205 -0.04 -34.89 8.28
CA LEU A 205 -0.64 -34.46 7.03
C LEU A 205 0.00 -35.22 5.87
N ILE A 206 -0.44 -34.91 4.65
CA ILE A 206 0.09 -35.60 3.47
C ILE A 206 1.41 -34.94 3.08
N PRO A 207 2.50 -35.69 3.00
CA PRO A 207 3.79 -35.09 2.60
C PRO A 207 3.70 -34.50 1.19
N ASN A 208 4.37 -33.37 1.00
CA ASN A 208 4.54 -32.78 -0.31
C ASN A 208 6.02 -32.74 -0.65
N ALA A 209 6.31 -32.44 -1.91
CA ALA A 209 7.70 -32.46 -2.36
C ALA A 209 7.91 -31.40 -3.41
N LYS A 210 9.18 -31.12 -3.71
CA LYS A 210 9.50 -30.24 -4.81
C LYS A 210 10.96 -30.44 -5.21
N TYR A 211 11.26 -30.11 -6.45
CA TYR A 211 12.62 -30.06 -6.96
C TYR A 211 12.96 -28.62 -7.27
N THR A 212 14.05 -28.13 -6.68
CA THR A 212 14.51 -26.77 -6.89
C THR A 212 15.95 -26.81 -7.37
N THR A 213 16.36 -25.75 -8.06
CA THR A 213 17.78 -25.63 -8.40
C THR A 213 18.60 -25.24 -7.19
N THR A 214 17.96 -24.61 -6.19
CA THR A 214 18.68 -24.18 -5.01
C THR A 214 19.03 -25.36 -4.10
N ASN A 215 18.08 -26.25 -3.85
CA ASN A 215 18.27 -27.33 -2.88
C ASN A 215 18.01 -28.72 -3.44
N TYR A 216 17.90 -28.85 -4.76
CA TYR A 216 17.68 -30.14 -5.43
C TYR A 216 16.36 -30.71 -4.90
N PHE A 217 16.31 -31.95 -4.42
CA PHE A 217 15.05 -32.56 -4.00
C PHE A 217 14.75 -32.19 -2.55
N GLU A 218 13.56 -31.65 -2.32
CA GLU A 218 13.11 -31.29 -0.98
C GLU A 218 11.90 -32.12 -0.60
N PHE A 219 11.79 -32.43 0.69
CA PHE A 219 10.73 -33.30 1.18
C PHE A 219 10.18 -32.75 2.49
N TYR A 220 8.88 -32.51 2.56
CA TYR A 220 8.23 -32.03 3.78
C TYR A 220 7.42 -33.15 4.40
N LEU A 221 7.43 -33.21 5.74
CA LEU A 221 6.63 -34.18 6.48
C LEU A 221 5.87 -33.47 7.59
N PRO A 222 4.80 -32.76 7.24
CA PRO A 222 4.09 -31.96 8.24
C PRO A 222 3.36 -32.82 9.26
N TYR A 223 3.16 -32.26 10.45
CA TYR A 223 2.43 -32.89 11.53
C TYR A 223 1.58 -31.82 12.20
N TYR A 224 0.27 -32.00 12.17
CA TYR A 224 -0.65 -31.05 12.77
C TYR A 224 -0.95 -31.45 14.21
N TRP A 225 -1.14 -30.46 15.07
CA TRP A 225 -1.39 -30.69 16.48
C TRP A 225 -2.48 -29.73 16.94
N ASN A 226 -3.57 -30.28 17.48
CA ASN A 226 -4.70 -29.49 17.95
C ASN A 226 -4.59 -29.36 19.45
N ILE A 227 -3.92 -28.30 19.90
CA ILE A 227 -3.72 -28.10 21.34
C ILE A 227 -5.02 -27.74 22.03
N ALA A 228 -5.83 -26.90 21.39
CA ALA A 228 -7.01 -26.32 22.01
C ALA A 228 -7.96 -25.90 20.89
N PRO A 229 -9.20 -25.42 21.17
CA PRO A 229 -10.07 -24.89 20.09
C PRO A 229 -9.59 -23.53 19.64
N ASN A 230 -8.67 -22.91 20.39
CA ASN A 230 -8.22 -21.52 20.06
C ASN A 230 -6.74 -21.53 19.66
N MET A 231 -6.01 -22.58 20.01
CA MET A 231 -4.56 -22.64 19.71
C MET A 231 -4.24 -23.94 18.96
N ASP A 232 -3.58 -23.83 17.81
CA ASP A 232 -3.17 -25.04 17.04
C ASP A 232 -1.70 -24.91 16.66
N ALA A 233 -1.06 -26.03 16.35
CA ALA A 233 0.39 -26.00 16.03
C ALA A 233 0.71 -26.97 14.90
N THR A 234 1.86 -26.75 14.24
CA THR A 234 2.31 -27.61 13.15
C THR A 234 3.82 -27.75 13.25
N ILE A 235 4.31 -28.97 13.08
CA ILE A 235 5.74 -29.25 13.08
C ILE A 235 6.09 -29.94 11.77
N THR A 236 7.02 -29.36 11.02
CA THR A 236 7.35 -29.85 9.68
C THR A 236 8.85 -30.09 9.56
N PRO A 237 9.30 -31.34 9.57
CA PRO A 237 10.65 -31.63 9.08
C PRO A 237 10.71 -31.42 7.58
N HIS A 238 11.66 -30.61 7.15
CA HIS A 238 11.84 -30.26 5.75
C HIS A 238 13.26 -30.66 5.38
N TYR A 239 13.40 -31.78 4.69
CA TYR A 239 14.69 -32.30 4.29
C TYR A 239 15.11 -31.70 2.97
N MET A 240 16.31 -31.09 2.95
CA MET A 240 16.91 -30.57 1.74
C MET A 240 18.15 -31.41 1.42
N HIS A 241 18.20 -31.91 0.18
CA HIS A 241 19.23 -32.84 -0.23
C HIS A 241 20.56 -32.14 -0.48
N ARG A 242 20.53 -30.99 -1.17
CA ARG A 242 21.78 -30.31 -1.47
C ARG A 242 22.48 -29.85 -0.21
N ARG A 243 21.72 -29.30 0.74
CA ARG A 243 22.26 -29.00 2.06
C ARG A 243 22.38 -30.24 2.93
N GLY A 244 21.79 -31.35 2.50
CA GLY A 244 21.95 -32.61 3.19
C GLY A 244 21.51 -32.59 4.64
N ASN A 245 20.38 -31.96 4.94
CA ASN A 245 19.98 -31.85 6.33
C ASN A 245 18.49 -31.55 6.39
N ILE A 246 17.91 -31.82 7.56
CA ILE A 246 16.51 -31.54 7.85
C ILE A 246 16.44 -30.25 8.66
N MET A 247 15.67 -29.29 8.16
CA MET A 247 15.39 -28.09 8.92
C MET A 247 13.99 -28.20 9.50
N TRP A 248 13.84 -27.77 10.75
CA TRP A 248 12.60 -27.93 11.48
C TRP A 248 11.80 -26.64 11.42
N GLU A 249 10.59 -26.73 10.88
CA GLU A 249 9.66 -25.62 10.85
C GLU A 249 8.63 -25.83 11.97
N ASN A 250 8.40 -24.79 12.77
CA ASN A 250 7.42 -24.85 13.83
C ASN A 250 6.49 -23.66 13.67
N GLU A 251 5.22 -23.94 13.44
CA GLU A 251 4.21 -22.92 13.24
C GLU A 251 3.16 -23.03 14.35
N PHE A 252 2.65 -21.87 14.78
CA PHE A 252 1.77 -21.84 15.94
C PHE A 252 0.76 -20.71 15.75
N ARG A 253 -0.50 -21.08 15.55
CA ARG A 253 -1.57 -20.09 15.43
C ARG A 253 -2.35 -20.02 16.75
N TYR A 254 -2.76 -18.82 17.12
CA TYR A 254 -3.52 -18.65 18.35
C TYR A 254 -4.53 -17.53 18.19
N LEU A 255 -5.64 -17.68 18.92
CA LEU A 255 -6.68 -16.68 19.03
C LEU A 255 -6.88 -16.39 20.52
N SER A 256 -6.74 -15.13 20.90
CA SER A 256 -6.85 -14.73 22.29
C SER A 256 -7.73 -13.49 22.39
N GLN A 257 -7.89 -13.00 23.61
CA GLN A 257 -8.63 -11.75 23.82
C GLN A 257 -7.94 -10.59 23.12
N ALA A 258 -6.62 -10.55 23.18
CA ALA A 258 -5.84 -9.46 22.62
C ALA A 258 -5.81 -9.47 21.09
N GLY A 259 -6.24 -10.55 20.46
CA GLY A 259 -6.28 -10.64 19.02
C GLY A 259 -5.78 -11.98 18.54
N ALA A 260 -5.57 -12.06 17.23
CA ALA A 260 -5.13 -13.31 16.59
C ALA A 260 -3.68 -13.17 16.14
N GLY A 261 -2.94 -14.27 16.28
CA GLY A 261 -1.52 -14.23 15.98
C GLY A 261 -0.99 -15.53 15.42
N LEU A 262 0.16 -15.41 14.75
CA LEU A 262 0.86 -16.52 14.15
C LEU A 262 2.35 -16.38 14.44
N MET A 263 2.94 -17.43 15.01
CA MET A 263 4.37 -17.50 15.26
C MET A 263 4.95 -18.60 14.39
N GLU A 264 6.20 -18.42 13.97
CA GLU A 264 6.85 -19.38 13.11
C GLU A 264 8.34 -19.35 13.37
N LEU A 265 8.96 -20.53 13.44
CA LEU A 265 10.38 -20.64 13.78
C LEU A 265 10.97 -21.78 12.97
N ASP A 266 11.91 -21.45 12.08
CA ASP A 266 12.60 -22.43 11.26
C ASP A 266 14.04 -22.51 11.72
N TYR A 267 14.53 -23.73 11.93
CA TYR A 267 15.89 -23.92 12.42
C TYR A 267 16.60 -24.99 11.61
N LEU A 268 17.79 -24.67 11.12
CA LEU A 268 18.65 -25.60 10.38
C LEU A 268 19.98 -25.68 11.10
N PRO A 269 20.27 -26.79 11.80
CA PRO A 269 21.50 -26.85 12.60
C PRO A 269 22.77 -26.66 11.79
N SER A 270 22.82 -27.14 10.56
CA SER A 270 24.01 -27.01 9.73
C SER A 270 23.60 -26.97 8.27
N ASP A 271 24.49 -26.44 7.44
CA ASP A 271 24.20 -26.26 6.02
C ASP A 271 25.51 -26.41 5.26
N LYS A 272 25.56 -27.39 4.36
CA LYS A 272 26.80 -27.64 3.62
C LYS A 272 27.09 -26.54 2.60
N VAL A 273 26.05 -26.07 1.91
CA VAL A 273 26.25 -25.04 0.89
C VAL A 273 26.75 -23.75 1.53
N TYR A 274 26.12 -23.35 2.63
CA TYR A 274 26.54 -22.13 3.32
C TYR A 274 27.93 -22.30 3.91
N GLU A 275 28.25 -23.49 4.39
CA GLU A 275 29.60 -23.76 4.88
C GLU A 275 30.63 -23.59 3.77
N ASP A 276 30.32 -24.09 2.58
CA ASP A 276 31.22 -23.93 1.45
C ASP A 276 31.37 -22.47 1.07
N GLU A 277 30.27 -21.72 1.06
CA GLU A 277 30.34 -20.32 0.64
C GLU A 277 30.98 -19.44 1.71
N HIS A 278 30.89 -19.83 2.98
CA HIS A 278 31.45 -19.05 4.07
C HIS A 278 32.33 -19.95 4.94
N PRO A 279 33.52 -20.30 4.45
CA PRO A 279 34.39 -21.19 5.24
C PRO A 279 34.79 -20.60 6.59
N ASN A 280 34.89 -19.28 6.69
CA ASN A 280 35.43 -18.66 7.91
C ASN A 280 34.45 -18.77 9.07
N ASP A 281 33.15 -18.80 8.81
CA ASP A 281 32.16 -18.84 9.88
C ASP A 281 32.30 -20.13 10.69
N ASP A 282 32.10 -20.01 12.00
CA ASP A 282 32.25 -21.16 12.89
C ASP A 282 31.08 -22.13 12.76
N SER A 283 29.87 -21.61 12.54
CA SER A 283 28.68 -22.43 12.39
C SER A 283 27.91 -22.03 11.14
N SER A 284 27.21 -22.99 10.56
CA SER A 284 26.42 -22.77 9.36
C SER A 284 24.93 -22.88 9.62
N ARG A 285 24.52 -22.66 10.87
CA ARG A 285 23.10 -22.74 11.21
C ARG A 285 22.32 -21.62 10.51
N ARG A 286 21.09 -21.94 10.12
CA ARG A 286 20.23 -20.99 9.44
C ARG A 286 18.86 -21.00 10.11
N TRP A 287 18.44 -19.86 10.64
CA TRP A 287 17.17 -19.82 11.35
C TRP A 287 16.37 -18.61 10.90
N LEU A 288 15.05 -18.72 11.09
CA LEU A 288 14.12 -17.63 10.86
C LEU A 288 13.11 -17.61 12.01
N PHE A 289 12.81 -16.41 12.49
CA PHE A 289 11.75 -16.20 13.46
C PHE A 289 10.76 -15.18 12.90
N TYR A 290 9.48 -15.51 12.94
CA TYR A 290 8.44 -14.65 12.44
C TYR A 290 7.31 -14.61 13.44
N TRP A 291 6.75 -13.43 13.65
CA TRP A 291 5.62 -13.27 14.57
C TRP A 291 4.73 -12.16 14.05
N ASN A 292 3.46 -12.49 13.81
CA ASN A 292 2.50 -11.52 13.32
C ASN A 292 1.26 -11.61 14.21
N HIS A 293 1.02 -10.56 14.98
CA HIS A 293 -0.11 -10.48 15.87
C HIS A 293 -0.90 -9.23 15.55
N SER A 294 -2.23 -9.35 15.53
CA SER A 294 -3.07 -8.19 15.32
C SER A 294 -4.34 -8.36 16.13
N GLY A 295 -4.73 -7.29 16.82
CA GLY A 295 -5.98 -7.36 17.57
C GLY A 295 -6.41 -6.03 18.11
N VAL A 296 -7.71 -5.92 18.34
CA VAL A 296 -8.31 -4.80 19.06
C VAL A 296 -9.12 -5.38 20.20
N MET A 297 -8.73 -5.06 21.42
CA MET A 297 -9.36 -5.56 22.64
C MET A 297 -10.13 -4.44 23.30
N ASP A 298 -11.40 -4.72 23.64
CA ASP A 298 -12.31 -3.78 24.28
C ASP A 298 -12.58 -2.55 23.42
N GLN A 299 -12.28 -2.64 22.12
CA GLN A 299 -12.51 -1.59 21.15
C GLN A 299 -11.61 -0.38 21.36
N VAL A 300 -10.80 -0.37 22.41
CA VAL A 300 -9.93 0.76 22.73
C VAL A 300 -8.46 0.38 22.65
N TRP A 301 -8.09 -0.85 22.98
CA TRP A 301 -6.70 -1.26 22.94
C TRP A 301 -6.38 -1.91 21.60
N ARG A 302 -5.28 -1.49 20.98
CA ARG A 302 -4.86 -2.02 19.70
C ARG A 302 -3.46 -2.57 19.83
N PHE A 303 -3.30 -3.86 19.55
CA PHE A 303 -2.03 -4.56 19.68
C PHE A 303 -1.59 -5.01 18.30
N ASN A 304 -0.37 -4.65 17.91
CA ASN A 304 0.16 -5.04 16.62
C ASN A 304 1.61 -5.47 16.77
N VAL A 305 1.94 -6.60 16.17
CA VAL A 305 3.32 -7.11 16.12
C VAL A 305 3.56 -7.61 14.70
N ASP A 306 4.64 -7.14 14.08
CA ASP A 306 5.05 -7.61 12.76
C ASP A 306 6.57 -7.75 12.81
N TYR A 307 7.05 -8.92 13.19
CA TYR A 307 8.45 -9.12 13.52
C TYR A 307 9.02 -10.25 12.68
N THR A 308 10.13 -9.97 11.99
CA THR A 308 10.85 -10.99 11.23
C THR A 308 12.34 -10.83 11.51
N LYS A 309 13.00 -11.96 11.81
CA LYS A 309 14.44 -11.96 12.00
C LYS A 309 15.01 -13.19 11.33
N VAL A 310 16.13 -13.02 10.63
CA VAL A 310 16.82 -14.12 9.96
C VAL A 310 18.27 -14.12 10.40
N SER A 311 18.90 -15.28 10.24
CA SER A 311 20.29 -15.44 10.66
C SER A 311 21.27 -14.76 9.72
N ASP A 312 20.91 -14.57 8.45
CA ASP A 312 21.84 -14.09 7.45
C ASP A 312 21.04 -13.43 6.35
N PRO A 313 21.64 -12.48 5.62
CA PRO A 313 20.88 -11.76 4.59
C PRO A 313 20.40 -12.62 3.44
N SER A 314 21.08 -13.73 3.15
CA SER A 314 20.73 -14.57 2.01
C SER A 314 19.75 -15.67 2.38
N TYR A 315 19.02 -15.53 3.48
CA TYR A 315 18.10 -16.58 3.89
C TYR A 315 16.99 -16.78 2.86
N PHE A 316 16.38 -15.70 2.41
CA PHE A 316 15.21 -15.82 1.56
C PHE A 316 15.56 -16.16 0.12
N ASN A 317 16.81 -15.94 -0.29
CA ASN A 317 17.27 -16.40 -1.59
C ASN A 317 17.54 -17.89 -1.59
N ASP A 318 17.65 -18.52 -0.42
CA ASP A 318 17.97 -19.94 -0.32
C ASP A 318 16.78 -20.80 0.04
N PHE A 319 15.83 -20.28 0.80
CA PHE A 319 14.71 -21.07 1.30
C PHE A 319 13.39 -20.47 0.84
N ASP A 320 12.35 -21.28 0.90
CA ASP A 320 11.09 -20.96 0.24
C ASP A 320 10.44 -19.72 0.86
N ASN A 321 9.58 -19.06 0.08
CA ASN A 321 9.02 -17.77 0.57
C ASN A 321 7.60 -17.98 1.11
N LYS A 322 7.48 -18.30 2.41
CA LYS A 322 6.15 -18.46 3.03
C LYS A 322 5.82 -17.18 3.83
N TYR A 323 6.77 -16.72 4.65
CA TYR A 323 6.54 -15.51 5.48
C TYR A 323 7.58 -14.45 5.10
N GLY A 324 8.10 -14.55 3.87
CA GLY A 324 9.08 -13.56 3.37
C GLY A 324 9.19 -13.71 1.87
N SER A 325 10.19 -13.09 1.24
CA SER A 325 10.37 -13.30 -0.18
C SER A 325 11.78 -12.96 -0.58
N SER A 326 12.23 -13.54 -1.69
CA SER A 326 13.52 -13.16 -2.25
C SER A 326 13.52 -11.73 -2.78
N THR A 327 12.33 -11.15 -2.95
CA THR A 327 12.21 -9.79 -3.46
C THR A 327 12.43 -8.72 -2.40
N ASP A 328 12.40 -9.09 -1.12
CA ASP A 328 12.56 -8.11 -0.05
C ASP A 328 14.03 -7.75 0.14
N GLY A 329 14.29 -6.45 0.35
CA GLY A 329 15.61 -5.99 0.67
C GLY A 329 15.93 -5.91 2.14
N TYR A 330 14.94 -6.06 3.00
CA TYR A 330 15.15 -5.97 4.43
C TYR A 330 14.03 -6.70 5.16
N ALA A 331 14.26 -6.99 6.42
CA ALA A 331 13.29 -7.60 7.32
C ALA A 331 12.81 -6.57 8.33
N THR A 332 11.53 -6.61 8.64
CA THR A 332 10.87 -5.58 9.43
C THR A 332 10.52 -6.12 10.81
N GLN A 333 10.72 -5.30 11.84
CA GLN A 333 10.45 -5.69 13.23
C GLN A 333 9.74 -4.54 13.93
N LYS A 334 8.41 -4.60 13.99
CA LYS A 334 7.59 -3.55 14.58
C LYS A 334 6.76 -4.09 15.73
N PHE A 335 6.75 -3.37 16.84
CA PHE A 335 5.82 -3.57 17.93
C PHE A 335 5.03 -2.28 18.13
N SER A 336 3.74 -2.40 18.40
CA SER A 336 2.94 -1.20 18.62
C SER A 336 1.77 -1.51 19.55
N VAL A 337 1.61 -0.67 20.57
CA VAL A 337 0.48 -0.70 21.49
C VAL A 337 -0.18 0.66 21.46
N GLY A 338 -1.48 0.68 21.17
CA GLY A 338 -2.21 1.93 21.06
C GLY A 338 -3.49 1.90 21.87
N TYR A 339 -3.92 3.09 22.25
CA TYR A 339 -5.21 3.29 22.91
C TYR A 339 -5.96 4.35 22.12
N ALA A 340 -7.11 3.99 21.57
CA ALA A 340 -7.84 4.86 20.65
C ALA A 340 -9.31 4.93 21.05
N VAL A 341 -9.76 6.13 21.41
CA VAL A 341 -11.16 6.43 21.59
C VAL A 341 -11.57 7.46 20.55
N GLN A 342 -12.86 7.77 20.53
CA GLN A 342 -13.45 8.51 19.41
C GLN A 342 -12.69 9.79 19.08
N ASN A 343 -12.24 10.52 20.10
N ASN A 343 -12.24 10.51 20.11
CA ASN A 343 -11.57 11.78 19.89
CA ASN A 343 -11.58 11.80 19.94
C ASN A 343 -10.12 11.78 20.35
C ASN A 343 -10.10 11.77 20.33
N PHE A 344 -9.51 10.60 20.53
CA PHE A 344 -8.14 10.58 21.05
C PHE A 344 -7.48 9.27 20.64
N ASN A 345 -6.16 9.31 20.49
CA ASN A 345 -5.42 8.07 20.36
C ASN A 345 -3.97 8.32 20.70
N ALA A 346 -3.36 7.37 21.40
CA ALA A 346 -1.96 7.41 21.79
C ALA A 346 -1.34 6.07 21.47
N THR A 347 -0.29 6.06 20.67
CA THR A 347 0.35 4.83 20.23
C THR A 347 1.83 4.89 20.55
N VAL A 348 2.35 3.84 21.18
CA VAL A 348 3.77 3.69 21.42
C VAL A 348 4.26 2.49 20.63
N SER A 349 5.32 2.70 19.84
CA SER A 349 5.78 1.68 18.91
C SER A 349 7.29 1.73 18.77
N THR A 350 7.86 0.58 18.44
CA THR A 350 9.27 0.46 18.10
C THR A 350 9.38 -0.18 16.73
N LYS A 351 10.25 0.39 15.88
CA LYS A 351 10.48 -0.11 14.53
C LYS A 351 11.97 -0.34 14.33
N GLN A 352 12.32 -1.55 13.88
CA GLN A 352 13.69 -1.90 13.57
C GLN A 352 13.71 -2.61 12.22
N PHE A 353 14.85 -2.55 11.55
CA PHE A 353 14.97 -3.12 10.23
C PHE A 353 16.32 -3.81 10.09
N GLN A 354 16.29 -5.02 9.55
CA GLN A 354 17.49 -5.81 9.29
C GLN A 354 17.73 -5.76 7.78
N VAL A 355 18.71 -4.97 7.36
CA VAL A 355 18.96 -4.74 5.95
C VAL A 355 19.83 -5.87 5.41
N PHE A 356 19.52 -6.33 4.21
CA PHE A 356 20.16 -7.49 3.61
C PHE A 356 21.36 -7.12 2.75
N SER A 357 21.19 -6.19 1.82
CA SER A 357 22.26 -5.83 0.89
C SER A 357 23.46 -5.28 1.65
N GLU A 358 24.64 -5.84 1.37
CA GLU A 358 25.84 -5.44 2.17
C GLU A 358 26.53 -4.21 1.56
N GLN A 359 25.76 -3.29 0.96
CA GLN A 359 26.39 -2.03 0.47
C GLN A 359 26.60 -1.16 1.70
N ASN A 360 25.52 -0.77 2.36
CA ASN A 360 25.60 0.00 3.61
C ASN A 360 24.52 -0.56 4.53
N THR A 361 24.92 -1.44 5.45
CA THR A 361 23.99 -2.08 6.34
C THR A 361 23.50 -1.18 7.46
N SER A 362 24.00 0.06 7.54
CA SER A 362 23.52 1.00 8.53
C SER A 362 22.05 1.32 8.28
N SER A 363 21.25 1.28 9.34
CA SER A 363 19.83 1.56 9.24
C SER A 363 19.37 2.16 10.57
N TYR A 364 18.52 3.16 10.49
CA TYR A 364 18.04 3.84 11.68
C TYR A 364 16.80 3.15 12.23
N SER A 365 16.62 3.27 13.54
CA SER A 365 15.49 2.65 14.23
C SER A 365 14.89 3.65 15.20
N ALA A 366 13.57 3.58 15.35
CA ALA A 366 12.82 4.37 16.31
C ALA A 366 12.60 3.51 17.55
N GLU A 367 13.28 3.85 18.64
CA GLU A 367 13.26 3.06 19.86
C GLU A 367 13.09 3.95 21.07
N PRO A 368 11.84 4.26 21.46
CA PRO A 368 10.59 3.97 20.78
C PRO A 368 10.03 5.19 20.07
N GLN A 369 8.83 5.10 19.52
CA GLN A 369 8.13 6.23 18.94
C GLN A 369 6.77 6.36 19.59
N LEU A 370 6.43 7.58 20.02
CA LEU A 370 5.16 7.84 20.67
C LEU A 370 4.36 8.83 19.83
N ASP A 371 3.12 8.48 19.51
CA ASP A 371 2.24 9.30 18.67
C ASP A 371 0.96 9.59 19.43
N VAL A 372 0.59 10.86 19.54
CA VAL A 372 -0.61 11.28 20.23
C VAL A 372 -1.42 12.19 19.32
N ASN A 373 -2.71 11.92 19.20
CA ASN A 373 -3.62 12.72 18.39
C ASN A 373 -4.80 13.14 19.24
N TYR A 374 -5.20 14.41 19.12
CA TYR A 374 -6.39 14.90 19.79
C TYR A 374 -7.25 15.69 18.81
N TYR A 375 -8.56 15.52 18.90
CA TYR A 375 -9.49 16.11 17.94
C TYR A 375 -10.60 16.88 18.65
N GLN A 376 -10.94 18.03 18.09
CA GLN A 376 -12.13 18.78 18.47
C GLN A 376 -12.81 19.22 17.18
N ASN A 377 -14.15 19.30 17.20
CA ASN A 377 -14.88 19.47 15.96
C ASN A 377 -15.90 20.60 15.95
N ASP A 378 -16.31 21.14 17.10
CA ASP A 378 -17.38 22.13 17.10
C ASP A 378 -16.97 23.35 17.91
N VAL A 379 -15.68 23.67 17.94
CA VAL A 379 -15.21 24.89 18.58
C VAL A 379 -15.51 26.03 17.61
N GLY A 380 -16.62 26.73 17.86
CA GLY A 380 -17.13 27.69 16.92
C GLY A 380 -17.46 27.03 15.61
N PRO A 381 -17.12 27.68 14.50
CA PRO A 381 -17.25 27.05 13.17
C PRO A 381 -16.00 26.32 12.71
N PHE A 382 -14.97 26.19 13.54
CA PHE A 382 -13.71 25.61 13.16
C PHE A 382 -13.59 24.17 13.64
N ASP A 383 -12.71 23.42 12.99
CA ASP A 383 -12.29 22.11 13.44
C ASP A 383 -10.83 22.18 13.85
N THR A 384 -10.47 21.51 14.93
CA THR A 384 -9.14 21.60 15.49
C THR A 384 -8.57 20.22 15.74
N ARG A 385 -7.26 20.08 15.58
CA ARG A 385 -6.59 18.86 15.98
C ARG A 385 -5.18 19.20 16.43
N ILE A 386 -4.63 18.33 17.27
CA ILE A 386 -3.25 18.43 17.75
C ILE A 386 -2.59 17.09 17.49
N TYR A 387 -1.41 17.13 16.91
CA TYR A 387 -0.59 15.94 16.70
C TYR A 387 0.74 16.12 17.42
N GLY A 388 1.05 15.20 18.32
CA GLY A 388 2.31 15.23 19.03
C GLY A 388 3.06 13.94 18.81
N GLN A 389 4.39 14.05 18.86
CA GLN A 389 5.23 12.88 18.67
C GLN A 389 6.53 13.04 19.43
N ALA A 390 7.00 11.95 20.01
CA ALA A 390 8.33 11.88 20.61
C ALA A 390 9.00 10.62 20.09
N VAL A 391 10.21 10.76 19.56
CA VAL A 391 10.90 9.64 18.94
C VAL A 391 12.37 9.68 19.32
N HIS A 392 13.01 8.51 19.27
CA HIS A 392 14.43 8.37 19.55
C HIS A 392 15.05 7.51 18.46
N PHE A 393 15.90 8.10 17.64
CA PHE A 393 16.57 7.41 16.55
C PHE A 393 17.92 6.89 17.01
N VAL A 394 18.13 5.59 16.83
CA VAL A 394 19.41 4.94 17.09
C VAL A 394 19.86 4.27 15.80
N ASN A 395 21.16 4.04 15.68
CA ASN A 395 21.72 3.41 14.49
C ASN A 395 22.47 2.14 14.84
N THR A 396 22.59 1.26 13.85
CA THR A 396 23.33 0.01 14.05
C THR A 396 24.81 0.28 14.26
N ARG A 397 25.39 1.18 13.48
CA ARG A 397 26.79 1.53 13.69
C ARG A 397 26.94 2.45 14.90
N ASP A 398 28.12 2.40 15.51
CA ASP A 398 28.40 3.17 16.70
C ASP A 398 28.98 4.55 16.40
N ASP A 399 29.21 4.88 15.13
CA ASP A 399 29.78 6.16 14.75
C ASP A 399 28.77 7.11 14.11
N MET A 400 27.52 6.74 14.04
CA MET A 400 26.56 7.60 13.41
C MET A 400 25.75 8.37 14.45
N PRO A 401 25.20 9.53 14.08
CA PRO A 401 24.47 10.35 15.04
C PRO A 401 23.26 9.62 15.61
N GLU A 402 23.00 9.86 16.90
CA GLU A 402 21.78 9.43 17.56
C GLU A 402 20.95 10.66 17.84
N ALA A 403 19.62 10.52 17.83
CA ALA A 403 18.79 11.71 17.96
C ALA A 403 17.59 11.45 18.84
N THR A 404 17.08 12.53 19.44
CA THR A 404 15.78 12.54 20.10
C THR A 404 14.99 13.70 19.55
N ARG A 405 13.82 13.42 19.00
CA ARG A 405 12.99 14.43 18.36
C ARG A 405 11.66 14.55 19.08
N VAL A 406 11.22 15.80 19.30
CA VAL A 406 9.92 16.08 19.89
C VAL A 406 9.19 17.05 18.97
N HIS A 407 7.98 16.68 18.55
CA HIS A 407 7.25 17.41 17.54
C HIS A 407 5.84 17.71 18.03
N LEU A 408 5.42 18.97 17.86
CA LEU A 408 4.07 19.41 18.15
C LEU A 408 3.49 20.08 16.91
N GLU A 409 2.22 19.85 16.65
CA GLU A 409 1.59 20.29 15.41
C GLU A 409 0.11 20.53 15.64
N PRO A 410 -0.29 21.76 15.98
CA PRO A 410 -1.71 22.10 16.02
C PRO A 410 -2.21 22.64 14.70
N THR A 411 -3.38 22.16 14.28
CA THR A 411 -4.00 22.62 13.05
C THR A 411 -5.44 23.04 13.34
N ILE A 412 -5.87 24.12 12.69
CA ILE A 412 -7.25 24.59 12.77
C ILE A 412 -7.73 24.89 11.36
N ASN A 413 -8.91 24.39 11.02
CA ASN A 413 -9.43 24.54 9.67
C ASN A 413 -10.88 24.98 9.69
N LEU A 414 -11.26 25.70 8.64
CA LEU A 414 -12.61 26.19 8.39
C LEU A 414 -13.15 25.54 7.13
N PRO A 415 -14.08 24.59 7.24
CA PRO A 415 -14.72 24.02 6.03
C PRO A 415 -16.00 24.75 5.68
N LEU A 416 -16.23 24.98 4.39
CA LEU A 416 -17.50 25.51 3.91
C LEU A 416 -17.93 24.66 2.73
N SER A 417 -19.20 24.31 2.68
CA SER A 417 -19.66 23.33 1.70
C SER A 417 -20.99 23.76 1.10
N ASN A 418 -21.22 23.32 -0.13
CA ASN A 418 -22.45 23.57 -0.85
C ASN A 418 -22.92 22.29 -1.53
N ASN A 419 -23.99 22.38 -2.31
CA ASN A 419 -24.35 21.24 -3.16
C ASN A 419 -23.36 21.09 -4.31
N TRP A 420 -22.75 22.18 -4.75
CA TRP A 420 -21.91 22.18 -5.94
C TRP A 420 -20.48 22.60 -5.68
N GLY A 421 -20.16 23.14 -4.51
CA GLY A 421 -18.82 23.63 -4.25
C GLY A 421 -18.42 23.41 -2.80
N SER A 422 -17.11 23.49 -2.59
CA SER A 422 -16.53 23.32 -1.26
C SER A 422 -15.23 24.09 -1.19
N ILE A 423 -14.96 24.68 -0.04
CA ILE A 423 -13.71 25.39 0.18
C ILE A 423 -13.30 25.21 1.64
N ASN A 424 -12.09 24.70 1.84
CA ASN A 424 -11.56 24.43 3.16
C ASN A 424 -10.25 25.19 3.35
N THR A 425 -10.22 26.05 4.36
CA THR A 425 -9.00 26.78 4.71
C THR A 425 -8.38 26.11 5.94
N GLU A 426 -7.05 26.09 6.00
CA GLU A 426 -6.38 25.38 7.08
C GLU A 426 -5.10 26.10 7.46
N ALA A 427 -4.92 26.36 8.76
CA ALA A 427 -3.70 26.92 9.30
C ALA A 427 -3.08 25.90 10.23
N LYS A 428 -1.84 25.53 9.96
CA LYS A 428 -1.13 24.51 10.71
C LYS A 428 0.14 25.13 11.26
N PHE A 429 0.57 24.63 12.41
CA PHE A 429 1.80 25.11 13.04
C PHE A 429 2.67 23.91 13.36
N LEU A 430 3.98 24.01 13.08
CA LEU A 430 4.90 22.91 13.34
C LEU A 430 6.02 23.40 14.22
N ALA A 431 6.23 22.73 15.35
CA ALA A 431 7.31 23.05 16.28
C ALA A 431 8.06 21.77 16.59
N THR A 432 9.31 21.68 16.15
CA THR A 432 10.12 20.50 16.34
C THR A 432 11.38 20.85 17.10
N HIS A 433 11.79 19.96 18.01
CA HIS A 433 13.02 20.11 18.76
C HIS A 433 13.86 18.85 18.57
N TYR A 434 15.11 19.04 18.18
CA TYR A 434 16.07 17.96 17.97
C TYR A 434 17.18 18.05 19.00
N GLN A 435 17.51 16.91 19.58
CA GLN A 435 18.71 16.76 20.41
C GLN A 435 19.54 15.64 19.78
N GLN A 436 20.64 16.01 19.13
CA GLN A 436 21.49 15.04 18.45
C GLN A 436 22.82 14.90 19.17
N THR A 437 23.26 13.65 19.31
CA THR A 437 24.53 13.33 19.94
C THR A 437 25.30 12.37 19.05
N ASN A 438 26.56 12.13 19.42
CA ASN A 438 27.48 11.29 18.66
C ASN A 438 27.74 11.87 17.27
N LEU A 439 28.22 13.12 17.27
CA LEU A 439 28.38 13.87 16.04
C LEU A 439 29.83 14.07 15.63
N ASP A 440 30.79 13.51 16.37
CA ASP A 440 32.20 13.76 16.06
C ASP A 440 32.59 13.20 14.71
N TRP A 441 32.14 11.97 14.40
CA TRP A 441 32.50 11.31 13.16
C TRP A 441 31.98 12.09 11.96
N TYR A 442 30.68 12.38 11.94
CA TYR A 442 30.06 13.04 10.80
C TYR A 442 30.60 14.45 10.63
N ASN A 443 30.73 15.19 11.71
CA ASN A 443 31.27 16.54 11.62
C ASN A 443 32.71 16.54 11.16
N SER A 444 33.51 15.58 11.62
CA SER A 444 34.89 15.49 11.18
C SER A 444 35.02 15.13 9.71
N ARG A 445 33.99 14.50 9.14
CA ARG A 445 34.04 14.11 7.74
C ARG A 445 33.10 14.90 6.81
N ASN A 446 32.18 15.69 7.33
CA ASN A 446 31.30 16.46 6.47
C ASN A 446 31.56 17.95 6.66
N THR A 447 31.42 18.70 5.56
CA THR A 447 31.68 20.13 5.60
C THR A 447 30.56 20.88 6.30
N THR A 448 29.32 20.46 6.10
CA THR A 448 28.19 21.03 6.84
C THR A 448 28.18 20.37 8.21
N LYS A 449 27.87 21.16 9.25
CA LYS A 449 27.98 20.68 10.60
C LYS A 449 26.60 20.44 11.20
N LEU A 450 26.43 19.26 11.80
CA LEU A 450 25.23 18.96 12.56
C LEU A 450 25.29 19.66 13.91
N ASP A 451 24.13 20.10 14.39
CA ASP A 451 24.04 20.82 15.65
C ASP A 451 23.40 19.93 16.72
N GLU A 452 23.84 20.14 17.96
CA GLU A 452 23.33 19.32 19.07
C GLU A 452 21.87 19.62 19.35
N SER A 453 21.53 20.89 19.52
CA SER A 453 20.17 21.32 19.81
C SER A 453 19.65 22.15 18.64
N VAL A 454 18.53 21.72 18.07
CA VAL A 454 17.93 22.39 16.91
C VAL A 454 16.46 22.66 17.21
N ASN A 455 16.00 23.86 16.88
CA ASN A 455 14.60 24.21 16.99
C ASN A 455 14.09 24.64 15.62
N ARG A 456 12.99 24.03 15.18
CA ARG A 456 12.43 24.28 13.86
C ARG A 456 10.96 24.65 14.02
N VAL A 457 10.63 25.91 13.77
CA VAL A 457 9.28 26.42 13.94
C VAL A 457 8.80 26.99 12.61
N MET A 458 7.66 26.49 12.13
CA MET A 458 7.17 26.91 10.82
C MET A 458 5.65 26.95 10.74
N PRO A 459 5.07 28.03 10.26
CA PRO A 459 3.65 28.04 9.93
C PRO A 459 3.40 27.27 8.63
N GLN A 460 2.12 27.03 8.36
CA GLN A 460 1.71 26.45 7.09
C GLN A 460 0.29 26.91 6.81
N PHE A 461 0.04 27.37 5.59
CA PHE A 461 -1.28 27.81 5.18
C PHE A 461 -1.72 27.06 3.94
N LYS A 462 -2.93 26.52 3.97
CA LYS A 462 -3.46 25.75 2.86
C LYS A 462 -4.88 26.21 2.57
N VAL A 463 -5.19 26.41 1.29
CA VAL A 463 -6.54 26.73 0.85
C VAL A 463 -6.92 25.74 -0.24
N ASP A 464 -7.97 24.96 -0.02
CA ASP A 464 -8.41 23.95 -0.97
C ASP A 464 -9.81 24.29 -1.44
N GLY A 465 -10.05 24.15 -2.73
CA GLY A 465 -11.36 24.43 -3.29
C GLY A 465 -11.76 23.43 -4.36
N LYS A 466 -13.04 23.10 -4.42
CA LYS A 466 -13.55 22.12 -5.36
C LYS A 466 -14.91 22.55 -5.87
N MET A 467 -15.17 22.28 -7.14
CA MET A 467 -16.46 22.53 -7.74
C MET A 467 -16.94 21.27 -8.45
N VAL A 468 -18.26 21.16 -8.61
CA VAL A 468 -18.86 20.05 -9.36
C VAL A 468 -19.85 20.62 -10.36
N PHE A 469 -19.66 20.28 -11.63
CA PHE A 469 -20.60 20.57 -12.70
C PHE A 469 -21.16 19.26 -13.23
N GLU A 470 -22.39 19.30 -13.72
CA GLU A 470 -23.05 18.12 -14.24
C GLU A 470 -23.63 18.43 -15.62
N ARG A 471 -23.70 17.40 -16.45
CA ARG A 471 -24.35 17.54 -17.76
C ARG A 471 -24.91 16.20 -18.18
N ASP A 472 -25.92 16.25 -19.05
CA ASP A 472 -26.63 15.07 -19.51
C ASP A 472 -25.99 14.56 -20.79
N MET A 473 -25.65 13.28 -20.81
CA MET A 473 -25.01 12.66 -21.97
C MET A 473 -25.97 11.61 -22.52
N GLU A 474 -26.90 12.06 -23.36
CA GLU A 474 -27.88 11.15 -23.95
C GLU A 474 -27.35 10.38 -25.14
N MET A 475 -26.22 10.82 -25.71
CA MET A 475 -25.67 10.11 -26.87
C MET A 475 -25.06 8.78 -26.48
N LEU A 476 -24.49 8.69 -25.27
CA LEU A 476 -23.93 7.43 -24.81
C LEU A 476 -25.03 6.39 -24.63
N ALA A 477 -25.98 6.67 -23.76
CA ALA A 477 -27.13 5.81 -23.51
C ALA A 477 -28.13 6.61 -22.68
N PRO A 478 -29.42 6.28 -22.75
CA PRO A 478 -30.42 7.07 -22.01
C PRO A 478 -30.16 7.04 -20.51
N GLY A 479 -30.09 8.22 -19.92
CA GLY A 479 -29.90 8.36 -18.48
C GLY A 479 -28.48 8.64 -18.05
N TYR A 480 -27.49 8.44 -18.92
CA TYR A 480 -26.11 8.67 -18.54
C TYR A 480 -25.85 10.14 -18.30
N THR A 481 -24.97 10.42 -17.34
CA THR A 481 -24.58 11.80 -17.04
C THR A 481 -23.06 11.86 -16.87
N GLN A 482 -22.53 13.06 -17.10
CA GLN A 482 -21.12 13.36 -16.91
C GLN A 482 -20.99 14.41 -15.82
N THR A 483 -19.94 14.29 -15.00
CA THR A 483 -19.64 15.27 -13.97
C THR A 483 -18.21 15.75 -14.14
N LEU A 484 -18.03 17.06 -14.10
CA LEU A 484 -16.73 17.70 -14.17
C LEU A 484 -16.40 18.25 -12.79
N GLU A 485 -15.19 17.98 -12.30
CA GLU A 485 -14.82 18.33 -10.93
C GLU A 485 -13.48 19.06 -10.97
N PRO A 486 -13.49 20.38 -11.04
CA PRO A 486 -12.26 21.14 -10.88
C PRO A 486 -11.86 21.27 -9.42
N ARG A 487 -10.56 21.23 -9.18
CA ARG A 487 -10.02 21.30 -7.83
C ARG A 487 -8.75 22.13 -7.86
N ALA A 488 -8.62 23.03 -6.89
CA ALA A 488 -7.43 23.88 -6.78
C ALA A 488 -6.99 23.90 -5.33
N GLN A 489 -5.71 24.15 -5.12
CA GLN A 489 -5.18 24.22 -3.76
C GLN A 489 -3.92 25.08 -3.74
N TYR A 490 -3.92 26.09 -2.88
CA TYR A 490 -2.75 26.91 -2.65
C TYR A 490 -2.08 26.48 -1.36
N LEU A 491 -0.77 26.27 -1.42
CA LEU A 491 0.01 25.83 -0.28
C LEU A 491 1.16 26.80 -0.06
N TYR A 492 1.36 27.24 1.18
CA TYR A 492 2.46 28.10 1.54
C TYR A 492 3.11 27.62 2.83
N VAL A 493 4.41 27.33 2.75
CA VAL A 493 5.21 26.94 3.90
C VAL A 493 6.49 27.76 3.81
N PRO A 494 6.85 28.54 4.83
CA PRO A 494 8.09 29.33 4.78
C PRO A 494 9.31 28.42 4.65
N TYR A 495 10.46 29.06 4.43
CA TYR A 495 11.70 28.34 4.24
C TYR A 495 12.53 28.38 5.52
N ARG A 496 12.89 27.21 6.03
CA ARG A 496 13.82 27.06 7.12
C ARG A 496 14.97 26.17 6.67
N ASP A 497 16.20 26.61 6.96
CA ASP A 497 17.39 25.89 6.52
C ASP A 497 17.58 24.72 7.48
N GLN A 498 17.45 23.50 6.96
CA GLN A 498 17.54 22.28 7.77
C GLN A 498 18.78 21.47 7.44
N SER A 499 19.89 22.15 7.13
CA SER A 499 21.14 21.46 6.86
C SER A 499 21.82 20.96 8.11
N ASP A 500 21.49 21.49 9.28
CA ASP A 500 22.10 21.09 10.54
C ASP A 500 21.41 19.88 11.16
N ILE A 501 20.37 19.36 10.52
CA ILE A 501 19.65 18.18 10.98
C ILE A 501 19.98 17.03 10.04
N TYR A 502 20.40 15.90 10.61
CA TYR A 502 20.54 14.70 9.83
C TYR A 502 19.18 14.20 9.38
N ASN A 503 19.13 13.60 8.19
CA ASN A 503 17.87 13.09 7.66
C ASN A 503 17.73 11.65 8.15
N TYR A 504 16.89 11.45 9.15
CA TYR A 504 16.71 10.14 9.77
C TYR A 504 15.60 9.34 9.10
N ASP A 505 14.43 9.96 8.92
CA ASP A 505 13.27 9.22 8.43
C ASP A 505 12.45 9.98 7.40
N SER A 506 13.07 10.87 6.61
CA SER A 506 12.36 11.62 5.59
C SER A 506 12.79 11.13 4.21
N SER A 507 11.82 10.72 3.40
CA SER A 507 12.07 10.24 2.06
C SER A 507 11.11 10.90 1.08
N LEU A 508 11.56 11.05 -0.17
CA LEU A 508 10.73 11.67 -1.20
C LEU A 508 9.45 10.89 -1.41
N LEU A 509 8.35 11.61 -1.56
CA LEU A 509 7.04 11.02 -1.73
C LEU A 509 6.66 11.00 -3.21
N GLN A 510 6.09 9.87 -3.63
CA GLN A 510 5.60 9.76 -5.00
C GLN A 510 4.39 10.67 -5.19
N SER A 511 4.32 11.28 -6.38
CA SER A 511 3.26 12.24 -6.69
C SER A 511 2.40 11.69 -7.82
N ASP A 512 1.41 10.88 -7.45
CA ASP A 512 0.36 10.48 -8.36
C ASP A 512 -0.66 11.61 -8.43
N TYR A 513 -1.82 11.35 -9.02
CA TYR A 513 -2.84 12.41 -9.07
C TYR A 513 -3.32 12.75 -7.67
N SER A 514 -3.51 11.74 -6.82
CA SER A 514 -3.92 12.01 -5.45
C SER A 514 -2.82 12.75 -4.68
N GLY A 515 -1.56 12.40 -4.94
CA GLY A 515 -0.44 13.04 -4.27
C GLY A 515 -0.13 14.43 -4.75
N LEU A 516 -0.79 14.89 -5.81
CA LEU A 516 -0.61 16.27 -6.24
C LEU A 516 -1.10 17.26 -5.19
N PHE A 517 -2.21 16.94 -4.54
CA PHE A 517 -2.81 17.82 -3.55
C PHE A 517 -2.33 17.54 -2.13
N ARG A 518 -1.44 16.58 -1.95
CA ARG A 518 -0.85 16.34 -0.65
C ARG A 518 0.06 17.49 -0.25
N ASP A 519 0.01 17.87 1.02
CA ASP A 519 0.70 19.06 1.49
C ASP A 519 2.14 18.82 1.92
N ARG A 520 2.66 17.61 1.72
CA ARG A 520 4.03 17.28 2.11
C ARG A 520 4.81 16.84 0.88
N THR A 521 6.10 17.18 0.85
CA THR A 521 7.00 16.68 -0.17
C THR A 521 7.73 15.44 0.30
N TYR A 522 8.11 15.41 1.57
CA TYR A 522 8.80 14.29 2.19
C TYR A 522 7.91 13.64 3.23
N GLY A 523 8.19 12.37 3.51
CA GLY A 523 7.63 11.72 4.68
C GLY A 523 8.40 12.11 5.92
N GLY A 524 7.91 11.63 7.06
CA GLY A 524 8.64 11.92 8.28
C GLY A 524 8.60 13.40 8.62
N LEU A 525 9.59 13.84 9.40
CA LEU A 525 9.61 15.22 9.84
C LEU A 525 11.00 15.86 9.82
N ASP A 526 12.01 15.19 9.27
CA ASP A 526 13.35 15.77 9.23
C ASP A 526 13.54 16.73 8.06
N ARG A 527 12.66 16.72 7.07
CA ARG A 527 12.79 17.58 5.91
C ARG A 527 11.39 18.09 5.55
N ILE A 528 11.12 19.34 5.91
CA ILE A 528 9.89 20.02 5.54
C ILE A 528 10.25 21.03 4.46
N ALA A 529 9.93 20.72 3.21
CA ALA A 529 10.27 21.59 2.11
C ALA A 529 9.43 22.85 2.13
N SER A 530 10.06 23.99 1.85
CA SER A 530 9.34 25.23 1.68
C SER A 530 8.43 25.14 0.47
N ALA A 531 7.28 25.80 0.55
CA ALA A 531 6.31 25.69 -0.53
C ALA A 531 5.68 27.04 -0.80
N ASN A 532 5.56 27.39 -2.07
CA ASN A 532 4.71 28.50 -2.50
C ASN A 532 4.14 28.04 -3.83
N GLN A 533 3.00 27.35 -3.79
CA GLN A 533 2.58 26.61 -4.98
C GLN A 533 1.07 26.54 -5.06
N VAL A 534 0.59 26.30 -6.27
CA VAL A 534 -0.82 26.06 -6.54
C VAL A 534 -0.94 24.78 -7.35
N THR A 535 -1.82 23.89 -6.90
CA THR A 535 -2.13 22.64 -7.59
C THR A 535 -3.50 22.77 -8.22
N THR A 536 -3.59 22.47 -9.52
CA THR A 536 -4.84 22.53 -10.25
C THR A 536 -5.07 21.18 -10.91
N GLY A 537 -6.26 20.62 -10.72
CA GLY A 537 -6.59 19.34 -11.30
C GLY A 537 -8.05 19.31 -11.68
N VAL A 538 -8.41 18.31 -12.49
CA VAL A 538 -9.78 18.16 -12.94
C VAL A 538 -10.07 16.67 -13.05
N THR A 539 -11.29 16.28 -12.67
CA THR A 539 -11.74 14.90 -12.72
C THR A 539 -13.08 14.82 -13.43
N SER A 540 -13.20 13.94 -14.42
CA SER A 540 -14.46 13.73 -15.10
C SER A 540 -14.96 12.33 -14.80
N ARG A 541 -16.23 12.22 -14.43
CA ARG A 541 -16.85 10.96 -14.06
C ARG A 541 -18.10 10.72 -14.90
N ILE A 542 -18.40 9.45 -15.13
CA ILE A 542 -19.54 9.04 -15.94
C ILE A 542 -20.43 8.12 -15.11
N TYR A 543 -21.72 8.41 -15.09
CA TYR A 543 -22.70 7.56 -14.42
C TYR A 543 -23.78 7.12 -15.38
N ASP A 544 -24.33 5.93 -15.16
CA ASP A 544 -25.43 5.45 -15.98
C ASP A 544 -26.76 5.85 -15.35
N ASP A 545 -27.85 5.29 -15.86
CA ASP A 545 -29.17 5.59 -15.31
C ASP A 545 -29.30 5.13 -13.87
N ALA A 546 -28.50 4.15 -13.46
CA ALA A 546 -28.50 3.65 -12.10
C ALA A 546 -27.47 4.35 -11.21
N ALA A 547 -26.93 5.48 -11.67
CA ALA A 547 -25.99 6.29 -10.89
C ALA A 547 -24.77 5.49 -10.45
N VAL A 548 -24.23 4.67 -11.34
CA VAL A 548 -23.04 3.87 -11.06
C VAL A 548 -21.88 4.42 -11.88
N GLU A 549 -20.75 4.62 -11.22
CA GLU A 549 -19.58 5.12 -11.93
C GLU A 549 -19.08 4.08 -12.92
N ARG A 550 -19.00 4.47 -14.18
CA ARG A 550 -18.50 3.60 -15.24
C ARG A 550 -17.11 3.99 -15.74
N PHE A 551 -16.73 5.26 -15.60
CA PHE A 551 -15.48 5.75 -16.13
C PHE A 551 -15.10 7.01 -15.38
N ASN A 552 -13.81 7.16 -15.12
CA ASN A 552 -13.31 8.40 -14.54
C ASN A 552 -11.90 8.64 -15.04
N ILE A 553 -11.58 9.91 -15.27
CA ILE A 553 -10.26 10.32 -15.72
C ILE A 553 -9.88 11.61 -15.00
N SER A 554 -8.61 11.72 -14.61
CA SER A 554 -8.11 12.87 -13.88
C SER A 554 -6.80 13.32 -14.47
N VAL A 555 -6.59 14.63 -14.46
CA VAL A 555 -5.32 15.23 -14.86
C VAL A 555 -5.07 16.43 -13.97
N GLY A 556 -3.80 16.68 -13.65
CA GLY A 556 -3.48 17.79 -12.77
C GLY A 556 -2.02 18.16 -12.91
N GLN A 557 -1.66 19.28 -12.29
CA GLN A 557 -0.31 19.78 -12.35
C GLN A 557 -0.03 20.62 -11.10
N ILE A 558 1.25 20.81 -10.83
CA ILE A 558 1.70 21.65 -9.72
C ILE A 558 2.55 22.78 -10.30
N TYR A 559 2.14 24.02 -10.02
CA TYR A 559 2.84 25.21 -10.44
C TYR A 559 3.55 25.81 -9.23
N TYR A 560 4.88 25.90 -9.31
CA TYR A 560 5.70 26.40 -8.23
C TYR A 560 6.03 27.86 -8.50
N PHE A 561 5.66 28.74 -7.56
CA PHE A 561 6.02 30.15 -7.68
C PHE A 561 7.46 30.39 -7.26
N THR A 562 7.93 29.62 -6.28
CA THR A 562 9.32 29.68 -5.84
C THR A 562 9.84 28.26 -5.67
N GLU A 563 11.17 28.13 -5.74
CA GLU A 563 11.79 26.82 -5.63
C GLU A 563 11.60 26.25 -4.22
N SER A 564 11.31 24.95 -4.16
CA SER A 564 11.14 24.27 -2.88
C SER A 564 12.51 23.89 -2.33
N ARG A 565 12.83 24.41 -1.14
CA ARG A 565 14.14 24.22 -0.54
C ARG A 565 14.02 23.67 0.87
N THR A 566 14.86 22.70 1.19
CA THR A 566 14.98 22.15 2.54
C THR A 566 16.25 22.58 3.23
N GLY A 567 17.00 23.51 2.64
CA GLY A 567 18.31 23.90 3.15
C GLY A 567 19.41 23.07 2.55
N ASP A 568 19.18 21.77 2.39
CA ASP A 568 20.05 20.89 1.64
C ASP A 568 19.27 20.26 0.49
N ASP A 569 19.94 20.13 -0.66
CA ASP A 569 19.28 19.66 -1.89
C ASP A 569 20.31 18.83 -2.67
N ASN A 570 20.25 17.51 -2.48
CA ASN A 570 21.18 16.60 -3.12
C ASN A 570 20.52 15.80 -4.25
N ILE A 571 19.31 16.15 -4.64
CA ILE A 571 18.60 15.42 -5.69
C ILE A 571 19.21 15.77 -7.03
N THR A 572 19.48 14.74 -7.83
CA THR A 572 20.13 14.92 -9.14
C THR A 572 19.06 15.04 -10.21
N TRP A 573 18.77 16.26 -10.62
CA TRP A 573 17.81 16.50 -11.70
C TRP A 573 18.53 16.54 -13.05
N GLU A 574 17.75 16.40 -14.12
CA GLU A 574 18.29 16.44 -15.46
C GLU A 574 18.37 17.86 -16.02
N ASN A 575 17.83 18.85 -15.32
CA ASN A 575 17.92 20.24 -15.76
C ASN A 575 17.74 21.14 -14.54
N ASP A 576 17.92 22.44 -14.75
CA ASP A 576 17.88 23.42 -13.68
C ASP A 576 16.53 24.13 -13.58
N ASP A 577 15.45 23.44 -13.89
CA ASP A 577 14.13 24.02 -13.71
C ASP A 577 13.79 24.11 -12.23
N LYS A 578 13.32 25.27 -11.81
CA LYS A 578 13.02 25.51 -10.40
C LYS A 578 11.59 25.96 -10.16
N THR A 579 11.04 26.80 -11.03
CA THR A 579 9.68 27.30 -10.90
C THR A 579 8.89 26.98 -12.17
N GLY A 580 7.59 27.18 -12.09
CA GLY A 580 6.71 26.88 -13.21
C GLY A 580 5.91 25.62 -12.99
N SER A 581 5.28 25.16 -14.08
CA SER A 581 4.52 23.92 -14.07
C SER A 581 5.51 22.77 -14.11
N LEU A 582 5.73 22.11 -12.96
CA LEU A 582 6.83 21.17 -12.86
C LEU A 582 6.39 19.72 -12.82
N VAL A 583 5.26 19.42 -12.18
CA VAL A 583 4.81 18.04 -11.99
C VAL A 583 3.44 17.91 -12.63
N TRP A 584 3.26 16.84 -13.42
CA TRP A 584 1.97 16.50 -14.02
C TRP A 584 1.63 15.07 -13.66
N ALA A 585 0.36 14.79 -13.43
CA ALA A 585 -0.07 13.45 -13.11
C ALA A 585 -1.45 13.20 -13.70
N GLY A 586 -1.65 12.00 -14.21
CA GLY A 586 -2.92 11.63 -14.80
C GLY A 586 -3.30 10.22 -14.39
N ASP A 587 -4.60 10.00 -14.27
CA ASP A 587 -5.15 8.73 -13.84
C ASP A 587 -6.42 8.45 -14.61
N THR A 588 -6.68 7.16 -14.87
CA THR A 588 -7.91 6.78 -15.54
C THR A 588 -8.30 5.38 -15.11
N TYR A 589 -9.62 5.14 -15.08
CA TYR A 589 -10.18 3.84 -14.77
C TYR A 589 -11.47 3.70 -15.55
N TRP A 590 -11.54 2.72 -16.43
CA TRP A 590 -12.70 2.49 -17.28
C TRP A 590 -13.23 1.09 -17.02
N ARG A 591 -14.46 0.99 -16.54
CA ARG A 591 -15.15 -0.29 -16.40
C ARG A 591 -15.91 -0.53 -17.69
N ILE A 592 -15.24 -1.17 -18.66
CA ILE A 592 -15.80 -1.28 -20.01
C ILE A 592 -17.10 -2.07 -19.99
N SER A 593 -17.11 -3.18 -19.25
CA SER A 593 -18.32 -3.99 -19.09
C SER A 593 -18.25 -4.65 -17.73
N GLU A 594 -19.11 -5.65 -17.51
CA GLU A 594 -19.08 -6.37 -16.26
C GLU A 594 -17.81 -7.20 -16.14
N ARG A 595 -17.32 -7.74 -17.26
CA ARG A 595 -16.17 -8.63 -17.26
C ARG A 595 -14.89 -7.97 -17.73
N TRP A 596 -14.92 -6.67 -18.07
CA TRP A 596 -13.74 -5.98 -18.56
C TRP A 596 -13.46 -4.75 -17.71
N GLY A 597 -12.22 -4.31 -17.74
CA GLY A 597 -11.82 -3.12 -17.02
C GLY A 597 -10.37 -2.75 -17.27
N LEU A 598 -10.08 -1.46 -17.41
CA LEU A 598 -8.71 -1.02 -17.63
C LEU A 598 -8.39 0.13 -16.70
N ARG A 599 -7.14 0.19 -16.27
CA ARG A 599 -6.63 1.25 -15.42
C ARG A 599 -5.36 1.82 -16.02
N GLY A 600 -5.07 3.06 -15.68
CA GLY A 600 -3.87 3.71 -16.18
C GLY A 600 -3.46 4.86 -15.30
N GLY A 601 -2.16 5.10 -15.25
CA GLY A 601 -1.62 6.23 -14.53
C GLY A 601 -0.31 6.66 -15.13
N ILE A 602 -0.05 7.96 -15.13
CA ILE A 602 1.16 8.49 -15.73
C ILE A 602 1.62 9.68 -14.90
N GLN A 603 2.93 9.78 -14.71
CA GLN A 603 3.55 10.89 -14.01
CA GLN A 603 3.55 10.89 -14.00
C GLN A 603 4.63 11.51 -14.88
N TYR A 604 4.61 12.82 -14.99
CA TYR A 604 5.59 13.55 -15.78
C TYR A 604 6.26 14.60 -14.91
N ASP A 605 7.59 14.67 -14.98
CA ASP A 605 8.36 15.68 -14.28
C ASP A 605 9.24 16.38 -15.30
N THR A 606 9.05 17.69 -15.46
CA THR A 606 9.86 18.43 -16.42
C THR A 606 11.33 18.50 -15.99
N ARG A 607 11.61 18.32 -14.71
CA ARG A 607 12.99 18.29 -14.25
C ARG A 607 13.71 17.02 -14.67
N LEU A 608 12.98 15.92 -14.88
CA LEU A 608 13.55 14.71 -15.43
C LEU A 608 13.61 14.73 -16.95
N ASP A 609 12.91 15.67 -17.60
CA ASP A 609 12.83 15.76 -19.06
C ASP A 609 12.32 14.45 -19.66
N ASN A 610 11.47 13.74 -18.92
CA ASN A 610 10.99 12.43 -19.36
C ASN A 610 9.86 12.05 -18.41
N VAL A 611 9.05 11.07 -18.82
CA VAL A 611 8.02 10.53 -17.95
C VAL A 611 8.68 9.84 -16.77
N ALA A 612 8.28 10.21 -15.56
CA ALA A 612 8.88 9.63 -14.37
C ALA A 612 8.48 8.17 -14.22
N THR A 613 7.19 7.92 -14.02
CA THR A 613 6.66 6.57 -13.91
C THR A 613 5.32 6.51 -14.63
N SER A 614 4.95 5.30 -15.04
CA SER A 614 3.64 5.07 -15.63
C SER A 614 3.27 3.61 -15.43
N ASN A 615 1.98 3.34 -15.47
CA ASN A 615 1.48 1.98 -15.33
C ASN A 615 0.13 1.87 -16.01
N SER A 616 -0.18 0.66 -16.48
CA SER A 616 -1.45 0.39 -17.11
C SER A 616 -1.77 -1.08 -16.94
N SER A 617 -3.06 -1.42 -16.99
CA SER A 617 -3.48 -2.80 -16.84
C SER A 617 -4.88 -2.95 -17.42
N ILE A 618 -5.06 -3.97 -18.25
CA ILE A 618 -6.36 -4.34 -18.77
C ILE A 618 -6.65 -5.78 -18.36
N GLU A 619 -7.82 -5.99 -17.77
CA GLU A 619 -8.17 -7.28 -17.18
C GLU A 619 -9.54 -7.72 -17.66
N TYR A 620 -9.62 -8.96 -18.13
CA TYR A 620 -10.90 -9.65 -18.33
C TYR A 620 -11.02 -10.68 -17.23
N ARG A 621 -12.15 -10.68 -16.52
CA ARG A 621 -12.36 -11.63 -15.45
C ARG A 621 -13.83 -12.05 -15.46
N ARG A 622 -14.12 -13.21 -16.06
CA ARG A 622 -15.46 -13.74 -15.96
C ARG A 622 -15.77 -14.17 -14.54
N ASP A 623 -14.84 -14.84 -13.88
CA ASP A 623 -15.04 -15.25 -12.50
C ASP A 623 -13.70 -15.62 -11.89
N GLU A 624 -13.72 -16.01 -10.62
CA GLU A 624 -12.48 -16.24 -9.88
C GLU A 624 -11.64 -17.34 -10.52
N ASP A 625 -12.22 -18.17 -11.37
CA ASP A 625 -11.47 -19.18 -12.10
C ASP A 625 -11.14 -18.78 -13.53
N ARG A 626 -12.00 -17.97 -14.16
CA ARG A 626 -11.82 -17.57 -15.56
C ARG A 626 -11.39 -16.12 -15.58
N LEU A 627 -10.15 -15.88 -15.98
CA LEU A 627 -9.63 -14.51 -16.00
C LEU A 627 -8.40 -14.41 -16.89
N VAL A 628 -8.22 -13.22 -17.48
CA VAL A 628 -7.02 -12.86 -18.24
C VAL A 628 -6.66 -11.42 -17.89
N GLN A 629 -5.37 -11.16 -17.68
CA GLN A 629 -4.91 -9.85 -17.29
C GLN A 629 -3.60 -9.51 -18.00
N LEU A 630 -3.52 -8.29 -18.52
CA LEU A 630 -2.30 -7.72 -19.08
C LEU A 630 -1.97 -6.45 -18.31
N ASN A 631 -0.69 -6.28 -17.97
CA ASN A 631 -0.28 -5.10 -17.23
C ASN A 631 1.10 -4.65 -17.66
N TYR A 632 1.40 -3.38 -17.44
CA TYR A 632 2.67 -2.79 -17.82
C TYR A 632 3.10 -1.80 -16.75
N HIS A 633 4.39 -1.83 -16.41
CA HIS A 633 4.97 -0.92 -15.43
C HIS A 633 6.20 -0.26 -16.04
N TYR A 634 6.33 1.05 -15.82
CA TYR A 634 7.44 1.81 -16.35
C TYR A 634 8.00 2.74 -15.28
N ALA A 635 9.32 2.92 -15.32
CA ALA A 635 10.01 3.86 -14.46
C ALA A 635 11.30 4.25 -15.17
N SER A 636 11.44 5.55 -15.45
CA SER A 636 12.57 5.99 -16.26
C SER A 636 13.87 5.90 -15.49
N PRO A 637 15.00 5.74 -16.19
CA PRO A 637 16.29 5.78 -15.48
C PRO A 637 16.55 7.11 -14.80
N GLU A 638 16.03 8.21 -15.34
CA GLU A 638 16.20 9.50 -14.69
C GLU A 638 15.50 9.52 -13.34
N TYR A 639 14.33 8.91 -13.24
CA TYR A 639 13.62 8.84 -11.97
C TYR A 639 14.41 8.04 -10.94
N ILE A 640 14.98 6.91 -11.36
CA ILE A 640 15.82 6.13 -10.48
C ILE A 640 17.03 6.95 -10.03
N GLN A 641 17.62 7.71 -10.95
CA GLN A 641 18.75 8.54 -10.61
C GLN A 641 18.37 9.60 -9.59
N ALA A 642 17.19 10.20 -9.75
CA ALA A 642 16.80 11.30 -8.89
C ALA A 642 16.41 10.84 -7.48
N THR A 643 15.66 9.75 -7.38
CA THR A 643 15.02 9.40 -6.12
C THR A 643 15.67 8.22 -5.40
N LEU A 644 16.82 7.75 -5.85
CA LEU A 644 17.45 6.57 -5.27
C LEU A 644 18.95 6.84 -5.17
N PRO A 645 19.67 6.09 -4.31
CA PRO A 645 21.07 6.41 -4.08
C PRO A 645 21.93 6.25 -5.34
N LYS A 646 23.16 6.76 -5.25
CA LYS A 646 24.00 6.89 -6.43
C LYS A 646 24.39 5.54 -7.01
N TYR A 647 24.72 4.58 -6.15
CA TYR A 647 25.12 3.28 -6.67
C TYR A 647 23.98 2.58 -7.39
N TYR A 648 22.73 3.00 -7.16
CA TYR A 648 21.65 2.56 -8.03
C TYR A 648 21.84 3.11 -9.43
N SER A 649 22.31 4.36 -9.55
CA SER A 649 22.55 4.95 -10.85
C SER A 649 23.77 4.35 -11.54
N THR A 650 24.72 3.81 -10.77
CA THR A 650 25.90 3.22 -11.39
C THR A 650 25.80 1.70 -11.57
N ALA A 651 24.91 1.03 -10.85
CA ALA A 651 24.84 -0.43 -10.91
C ALA A 651 24.00 -0.89 -12.09
N GLU A 652 24.47 -1.93 -12.77
CA GLU A 652 23.80 -2.43 -13.97
C GLU A 652 22.39 -2.90 -13.61
N GLN A 653 22.25 -3.63 -12.50
CA GLN A 653 20.95 -4.19 -12.16
C GLN A 653 19.93 -3.15 -11.73
N TYR A 654 20.33 -1.90 -11.54
CA TYR A 654 19.40 -0.86 -11.13
C TYR A 654 19.28 0.30 -12.11
N LYS A 655 20.35 0.63 -12.85
CA LYS A 655 20.42 1.94 -13.50
C LYS A 655 19.45 2.08 -14.67
N ASN A 656 18.94 0.98 -15.21
CA ASN A 656 18.14 1.07 -16.43
C ASN A 656 16.67 1.31 -16.19
N GLY A 657 16.25 1.50 -14.95
CA GLY A 657 14.86 1.72 -14.66
C GLY A 657 14.06 0.43 -14.77
N ILE A 658 12.76 0.59 -15.01
CA ILE A 658 11.82 -0.52 -15.09
C ILE A 658 11.01 -0.40 -16.37
N SER A 659 10.90 -1.49 -17.11
CA SER A 659 10.01 -1.59 -18.26
C SER A 659 9.54 -3.03 -18.32
N GLN A 660 8.38 -3.30 -17.70
CA GLN A 660 7.97 -4.65 -17.40
C GLN A 660 6.56 -4.90 -17.92
N VAL A 661 6.39 -5.99 -18.69
CA VAL A 661 5.09 -6.39 -19.22
C VAL A 661 4.72 -7.73 -18.60
N GLY A 662 3.51 -7.83 -18.10
CA GLY A 662 3.06 -9.05 -17.45
C GLY A 662 1.74 -9.54 -17.98
N ALA A 663 1.62 -10.86 -18.11
CA ALA A 663 0.40 -11.51 -18.55
C ALA A 663 0.04 -12.62 -17.58
N VAL A 664 -1.22 -12.65 -17.15
CA VAL A 664 -1.73 -13.66 -16.22
C VAL A 664 -2.97 -14.27 -16.84
N ALA A 665 -3.06 -15.60 -16.83
CA ALA A 665 -4.21 -16.28 -17.39
C ALA A 665 -4.64 -17.42 -16.48
N SER A 666 -5.94 -17.65 -16.42
CA SER A 666 -6.50 -18.72 -15.60
C SER A 666 -7.77 -19.23 -16.26
N ARG A 667 -7.83 -20.55 -16.48
CA ARG A 667 -8.90 -21.19 -17.21
C ARG A 667 -9.20 -22.59 -16.66
N PRO A 668 -10.43 -22.86 -16.24
CA PRO A 668 -10.80 -24.22 -15.82
C PRO A 668 -11.15 -25.13 -16.99
N ILE A 669 -11.06 -26.44 -16.78
CA ILE A 669 -11.58 -27.42 -17.73
C ILE A 669 -12.40 -28.45 -16.95
N ALA A 670 -13.62 -28.70 -17.43
CA ALA A 670 -14.51 -29.76 -16.94
C ALA A 670 -14.82 -29.62 -15.46
N ASP A 671 -14.70 -28.43 -14.88
CA ASP A 671 -15.04 -28.12 -13.50
C ASP A 671 -14.10 -28.84 -12.53
N ARG A 672 -13.19 -29.67 -13.02
CA ARG A 672 -12.26 -30.39 -12.17
C ARG A 672 -10.83 -29.92 -12.27
N TRP A 673 -10.40 -29.43 -13.44
CA TRP A 673 -9.05 -28.94 -13.64
C TRP A 673 -9.04 -27.42 -13.60
N SER A 674 -7.85 -26.87 -13.36
CA SER A 674 -7.66 -25.42 -13.35
C SER A 674 -6.25 -25.13 -13.79
N ILE A 675 -6.10 -24.50 -14.96
CA ILE A 675 -4.78 -24.15 -15.49
C ILE A 675 -4.54 -22.68 -15.21
N VAL A 676 -3.35 -22.38 -14.69
CA VAL A 676 -2.97 -21.03 -14.32
C VAL A 676 -1.56 -20.76 -14.86
N GLY A 677 -1.37 -19.60 -15.45
CA GLY A 677 -0.07 -19.24 -15.99
C GLY A 677 0.20 -17.77 -15.84
N ALA A 678 1.48 -17.42 -15.76
CA ALA A 678 1.90 -16.03 -15.67
C ALA A 678 3.25 -15.88 -16.35
N TYR A 679 3.49 -14.69 -16.90
CA TYR A 679 4.76 -14.41 -17.58
C TYR A 679 5.05 -12.92 -17.47
N TYR A 680 6.24 -12.60 -16.96
CA TYR A 680 6.67 -11.21 -16.82
C TYR A 680 7.99 -11.03 -17.56
N TYR A 681 8.07 -9.99 -18.36
CA TYR A 681 9.17 -9.80 -19.30
C TYR A 681 9.66 -8.37 -19.21
N ASP A 682 10.98 -8.21 -19.04
CA ASP A 682 11.63 -6.91 -18.98
C ASP A 682 12.12 -6.57 -20.38
N THR A 683 11.53 -5.53 -20.97
CA THR A 683 11.87 -5.12 -22.33
C THR A 683 13.19 -4.37 -22.40
N ASN A 684 13.61 -3.76 -21.29
CA ASN A 684 14.89 -3.07 -21.27
C ASN A 684 16.02 -4.05 -21.51
N ALA A 685 16.06 -5.13 -20.74
CA ALA A 685 17.05 -6.19 -20.90
C ALA A 685 16.59 -7.28 -21.86
N ASN A 686 15.34 -7.25 -22.30
CA ASN A 686 14.77 -8.30 -23.13
C ASN A 686 14.92 -9.67 -22.45
N LYS A 687 14.61 -9.71 -21.17
CA LYS A 687 14.82 -10.92 -20.38
C LYS A 687 13.59 -11.23 -19.54
N GLN A 688 13.37 -12.51 -19.34
CA GLN A 688 12.33 -12.99 -18.42
C GLN A 688 12.63 -12.50 -17.01
N ALA A 689 11.58 -12.15 -16.27
CA ALA A 689 11.70 -11.81 -14.86
C ALA A 689 11.08 -12.87 -13.96
N ASP A 690 9.93 -13.40 -14.35
CA ASP A 690 9.20 -14.37 -13.55
C ASP A 690 8.18 -15.06 -14.44
N SER A 691 8.11 -16.38 -14.35
CA SER A 691 7.09 -17.14 -15.04
C SER A 691 6.60 -18.24 -14.13
N MET A 692 5.31 -18.56 -14.24
CA MET A 692 4.66 -19.52 -13.36
C MET A 692 3.71 -20.37 -14.17
N LEU A 693 3.56 -21.63 -13.76
CA LEU A 693 2.57 -22.54 -14.33
C LEU A 693 1.96 -23.33 -13.20
N GLY A 694 0.65 -23.54 -13.26
CA GLY A 694 -0.03 -24.27 -12.21
C GLY A 694 -1.19 -25.09 -12.69
N VAL A 695 -1.23 -26.37 -12.33
CA VAL A 695 -2.33 -27.26 -12.70
C VAL A 695 -2.83 -27.92 -11.42
N GLN A 696 -4.13 -27.76 -11.15
CA GLN A 696 -4.75 -28.37 -9.99
C GLN A 696 -5.93 -29.21 -10.42
N TYR A 697 -5.95 -30.46 -9.95
CA TYR A 697 -7.08 -31.37 -10.12
C TYR A 697 -7.82 -31.46 -8.80
N SER A 698 -9.07 -31.01 -8.78
CA SER A 698 -9.87 -30.96 -7.57
C SER A 698 -10.95 -32.03 -7.63
N SER A 699 -11.10 -32.77 -6.53
CA SER A 699 -12.15 -33.78 -6.44
C SER A 699 -12.95 -33.58 -5.16
N CYS A 700 -13.82 -34.54 -4.85
CA CYS A 700 -14.65 -34.41 -3.66
C CYS A 700 -13.83 -34.55 -2.38
N CYS A 701 -12.86 -35.45 -2.37
CA CYS A 701 -12.11 -35.76 -1.16
C CYS A 701 -10.68 -35.25 -1.15
N TYR A 702 -10.15 -34.80 -2.28
CA TYR A 702 -8.75 -34.40 -2.33
C TYR A 702 -8.53 -33.40 -3.45
N ALA A 703 -7.40 -32.71 -3.40
CA ALA A 703 -6.97 -31.82 -4.45
C ALA A 703 -5.47 -32.00 -4.66
N ILE A 704 -5.06 -32.16 -5.91
CA ILE A 704 -3.67 -32.36 -6.28
C ILE A 704 -3.21 -31.14 -7.06
N ARG A 705 -2.17 -30.48 -6.56
CA ARG A 705 -1.63 -29.27 -7.18
C ARG A 705 -0.21 -29.55 -7.66
N VAL A 706 0.09 -29.13 -8.88
CA VAL A 706 1.44 -29.18 -9.43
C VAL A 706 1.80 -27.78 -9.92
N GLY A 707 2.95 -27.29 -9.48
CA GLY A 707 3.34 -25.94 -9.85
C GLY A 707 4.79 -25.83 -10.26
N TYR A 708 5.06 -24.98 -11.25
CA TYR A 708 6.41 -24.69 -11.71
C TYR A 708 6.60 -23.19 -11.69
N GLU A 709 7.81 -22.75 -11.38
CA GLU A 709 8.12 -21.34 -11.32
C GLU A 709 9.59 -21.11 -11.66
N ARG A 710 9.84 -20.12 -12.50
CA ARG A 710 11.19 -19.64 -12.78
C ARG A 710 11.24 -18.16 -12.49
N LYS A 711 12.09 -17.76 -11.54
CA LYS A 711 12.07 -16.40 -11.04
C LYS A 711 13.48 -15.83 -10.99
N LEU A 712 13.56 -14.51 -11.06
CA LEU A 712 14.82 -13.82 -10.79
C LEU A 712 15.19 -14.00 -9.32
N ASN A 713 16.32 -14.66 -9.07
CA ASN A 713 16.69 -15.00 -7.70
C ASN A 713 17.88 -14.22 -7.15
N GLY A 714 18.70 -13.63 -8.00
CA GLY A 714 19.81 -12.87 -7.48
C GLY A 714 20.63 -12.23 -8.57
N TRP A 715 21.77 -11.70 -8.19
CA TRP A 715 22.70 -11.08 -9.14
C TRP A 715 24.10 -11.62 -8.87
N ASP A 716 24.78 -12.05 -9.93
CA ASP A 716 26.14 -12.54 -9.85
C ASP A 716 27.04 -11.47 -10.44
N ASN A 717 27.83 -10.82 -9.58
CA ASN A 717 28.66 -9.70 -10.00
C ASN A 717 30.05 -10.11 -10.45
N ASP A 718 30.42 -11.38 -10.26
CA ASP A 718 31.71 -11.85 -10.75
C ASP A 718 31.81 -11.74 -12.27
N LYS A 719 30.72 -12.04 -12.97
CA LYS A 719 30.66 -11.72 -14.39
C LYS A 719 29.42 -10.91 -14.75
N GLN A 720 28.71 -10.37 -13.76
CA GLN A 720 27.68 -9.35 -13.95
C GLN A 720 26.52 -9.86 -14.81
N HIS A 721 25.82 -10.87 -14.29
CA HIS A 721 24.54 -11.26 -14.87
C HIS A 721 23.54 -11.49 -13.76
N ALA A 722 22.33 -11.90 -14.14
CA ALA A 722 21.29 -12.26 -13.20
C ALA A 722 21.31 -13.76 -12.94
N VAL A 723 20.76 -14.15 -11.81
CA VAL A 723 20.72 -15.55 -11.38
C VAL A 723 19.26 -15.94 -11.21
N TYR A 724 18.85 -16.99 -11.91
CA TYR A 724 17.49 -17.49 -11.91
C TYR A 724 17.38 -18.75 -11.06
N ASP A 725 16.15 -19.05 -10.65
CA ASP A 725 15.84 -20.23 -9.86
C ASP A 725 14.62 -20.93 -10.43
N ASN A 726 14.72 -22.25 -10.58
CA ASN A 726 13.62 -23.07 -11.06
C ASN A 726 13.09 -23.93 -9.92
N ALA A 727 11.77 -24.03 -9.82
CA ALA A 727 11.12 -24.79 -8.77
C ALA A 727 9.89 -25.49 -9.33
N ILE A 728 9.86 -26.81 -9.24
CA ILE A 728 8.71 -27.60 -9.64
C ILE A 728 8.19 -28.34 -8.42
N GLY A 729 6.94 -28.11 -8.06
CA GLY A 729 6.41 -28.63 -6.81
C GLY A 729 5.20 -29.53 -6.98
N PHE A 730 5.02 -30.45 -6.03
CA PHE A 730 3.91 -31.40 -6.05
C PHE A 730 3.33 -31.46 -4.64
N ASN A 731 2.02 -31.23 -4.54
CA ASN A 731 1.36 -31.08 -3.25
C ASN A 731 -0.04 -31.66 -3.32
N ILE A 732 -0.41 -32.44 -2.31
CA ILE A 732 -1.76 -33.01 -2.19
C ILE A 732 -2.34 -32.56 -0.86
N GLU A 733 -3.61 -32.16 -0.88
CA GLU A 733 -4.30 -31.72 0.32
C GLU A 733 -5.68 -32.36 0.36
N LEU A 734 -6.10 -32.79 1.56
CA LEU A 734 -7.34 -33.54 1.70
C LEU A 734 -8.54 -32.62 1.84
N ARG A 735 -9.59 -32.90 1.07
CA ARG A 735 -10.81 -32.12 1.04
C ARG A 735 -11.87 -32.78 1.91
N GLY A 736 -13.08 -32.25 1.82
CA GLY A 736 -14.24 -32.79 2.51
C GLY A 736 -14.34 -32.43 3.97
N LEU A 737 -13.21 -32.36 4.68
CA LEU A 737 -13.25 -32.05 6.10
C LEU A 737 -13.73 -30.62 6.34
N SER A 738 -13.54 -29.74 5.38
CA SER A 738 -13.96 -28.35 5.48
C SER A 738 -15.02 -28.04 4.43
N SER A 739 -15.45 -26.79 4.40
CA SER A 739 -16.45 -26.34 3.45
C SER A 739 -15.87 -25.84 2.14
N ASN A 740 -14.54 -25.79 2.01
CA ASN A 740 -13.93 -25.26 0.79
C ASN A 740 -14.05 -26.30 -0.32
N TYR A 741 -14.59 -25.85 -1.47
CA TYR A 741 -14.82 -26.69 -2.64
C TYR A 741 -14.30 -26.03 -3.90
N GLY A 742 -13.45 -25.02 -3.79
CA GLY A 742 -12.98 -24.28 -4.93
C GLY A 742 -11.96 -25.05 -5.75
N LEU A 743 -11.61 -24.47 -6.90
CA LEU A 743 -10.63 -25.06 -7.80
C LEU A 743 -9.22 -24.62 -7.48
N GLY A 744 -9.02 -23.77 -6.48
CA GLY A 744 -7.70 -23.36 -6.06
C GLY A 744 -7.01 -22.38 -6.96
N THR A 745 -7.73 -21.75 -7.89
CA THR A 745 -7.10 -20.85 -8.86
C THR A 745 -6.45 -19.66 -8.17
N GLN A 746 -7.17 -19.02 -7.24
CA GLN A 746 -6.64 -17.84 -6.59
C GLN A 746 -5.43 -18.16 -5.71
N GLU A 747 -5.32 -19.39 -5.23
CA GLU A 747 -4.16 -19.77 -4.44
C GLU A 747 -2.90 -19.83 -5.30
N MET A 748 -3.00 -20.45 -6.48
CA MET A 748 -1.84 -20.52 -7.36
C MET A 748 -1.55 -19.19 -8.05
N LEU A 749 -2.55 -18.32 -8.15
CA LEU A 749 -2.32 -17.01 -8.74
C LEU A 749 -1.45 -16.13 -7.85
N ARG A 750 -1.38 -16.43 -6.56
CA ARG A 750 -0.58 -15.65 -5.61
C ARG A 750 0.71 -16.35 -5.22
N SER A 751 1.10 -17.42 -5.92
CA SER A 751 2.23 -18.23 -5.52
C SER A 751 3.56 -17.74 -6.08
N ASN A 752 3.55 -16.76 -6.98
CA ASN A 752 4.77 -16.27 -7.62
C ASN A 752 5.19 -14.94 -7.01
N ILE A 753 6.42 -14.53 -7.34
CA ILE A 753 7.00 -13.34 -6.73
C ILE A 753 6.34 -12.04 -7.16
N LEU A 754 5.48 -12.09 -8.17
CA LEU A 754 4.69 -10.94 -8.61
C LEU A 754 3.23 -11.36 -8.56
N PRO A 755 2.63 -11.38 -7.37
CA PRO A 755 1.29 -11.96 -7.22
C PRO A 755 0.25 -11.23 -8.03
N TYR A 756 -0.77 -11.97 -8.46
CA TYR A 756 -1.88 -11.39 -9.19
C TYR A 756 -2.74 -10.53 -8.27
N GLN A 757 -3.21 -9.40 -8.80
CA GLN A 757 -4.12 -8.51 -8.08
C GLN A 757 -5.32 -8.23 -8.94
N ASN A 758 -6.50 -8.26 -8.34
CA ASN A 758 -7.75 -8.03 -9.05
C ASN A 758 -7.93 -6.54 -9.31
N THR A 759 -8.13 -6.18 -10.57
CA THR A 759 -8.40 -4.81 -10.98
C THR A 759 -9.73 -4.69 -11.73
N LEU A 760 -10.70 -5.52 -11.35
CA LEU A 760 -11.99 -5.61 -12.05
C LEU A 760 -11.81 -5.95 -13.52
N CYS B 1 -21.20 24.68 -22.20
CA CYS B 1 -21.54 23.72 -23.25
C CYS B 1 -22.34 22.56 -22.69
N GLY B 2 -23.48 22.88 -22.08
CA GLY B 2 -24.35 21.89 -21.47
C GLY B 2 -24.08 21.69 -19.99
N TRP B 3 -22.96 22.19 -19.49
CA TRP B 3 -22.62 22.03 -18.09
C TRP B 3 -23.52 22.89 -17.23
N HIS B 4 -23.85 22.39 -16.04
CA HIS B 4 -24.53 23.19 -15.03
C HIS B 4 -24.04 22.75 -13.66
N LEU B 5 -24.19 23.65 -12.69
CA LEU B 5 -23.78 23.33 -11.32
C LEU B 5 -24.64 22.21 -10.77
N ARG B 6 -24.02 21.33 -9.98
CA ARG B 6 -24.75 20.22 -9.39
C ARG B 6 -25.81 20.74 -8.43
N ASP B 7 -27.07 20.45 -8.75
CA ASP B 7 -28.21 20.94 -7.98
C ASP B 7 -28.69 19.96 -6.93
N THR B 8 -28.03 18.82 -6.77
CA THR B 8 -28.43 17.80 -5.82
C THR B 8 -27.27 17.50 -4.88
N THR B 9 -27.61 17.20 -3.63
CA THR B 9 -26.59 16.87 -2.64
C THR B 9 -25.90 15.55 -2.99
N GLN B 10 -24.64 15.43 -2.58
CA GLN B 10 -23.91 14.19 -2.80
C GLN B 10 -24.56 13.03 -2.06
N VAL B 11 -25.00 13.28 -0.82
CA VAL B 11 -25.73 12.28 -0.03
C VAL B 11 -27.22 12.47 -0.29
N PRO B 12 -27.95 11.41 -0.63
CA PRO B 12 -29.38 11.57 -0.92
C PRO B 12 -30.14 12.06 0.30
N SER B 13 -31.26 12.75 0.04
CA SER B 13 -31.99 13.43 1.10
C SER B 13 -32.48 12.46 2.17
N THR B 14 -32.88 11.25 1.77
CA THR B 14 -33.33 10.26 2.74
C THR B 14 -32.22 9.80 3.67
N MET B 15 -30.97 9.99 3.28
CA MET B 15 -29.82 9.54 4.07
C MET B 15 -29.19 10.68 4.86
N LYS B 16 -29.86 11.83 4.97
CA LYS B 16 -29.28 12.96 5.69
C LYS B 16 -29.15 12.69 7.18
N VAL B 17 -29.94 11.77 7.73
CA VAL B 17 -29.80 11.31 9.10
C VAL B 17 -29.63 9.80 9.06
N MET B 18 -28.53 9.31 9.60
CA MET B 18 -28.25 7.88 9.51
C MET B 18 -27.41 7.42 10.68
N ILE B 19 -27.32 6.10 10.83
CA ILE B 19 -26.58 5.46 11.91
C ILE B 19 -25.32 4.83 11.32
N LEU B 20 -24.17 5.16 11.89
CA LEU B 20 -22.90 4.58 11.48
C LEU B 20 -22.54 3.50 12.49
N ASP B 21 -22.42 2.26 12.02
CA ASP B 21 -22.19 1.11 12.89
C ASP B 21 -21.00 0.33 12.35
N SER B 22 -20.16 -0.14 13.26
CA SER B 22 -19.00 -0.94 12.88
C SER B 22 -18.51 -1.71 14.09
N GLY B 23 -17.74 -2.76 13.82
CA GLY B 23 -17.09 -3.49 14.89
C GLY B 23 -15.83 -2.84 15.43
N ASP B 24 -15.35 -1.81 14.74
CA ASP B 24 -14.18 -1.04 15.17
C ASP B 24 -14.54 0.44 15.10
N PRO B 25 -15.37 0.92 16.03
CA PRO B 25 -15.82 2.32 15.96
C PRO B 25 -14.72 3.33 16.15
N ASN B 26 -13.63 2.96 16.82
CA ASN B 26 -12.51 3.87 17.04
C ASN B 26 -11.37 3.66 16.07
N GLY B 27 -11.56 2.83 15.06
CA GLY B 27 -10.52 2.56 14.10
C GLY B 27 -10.35 3.71 13.13
N PRO B 28 -9.39 3.55 12.23
CA PRO B 28 -9.12 4.64 11.27
C PRO B 28 -10.15 4.73 10.16
N LEU B 29 -10.65 3.59 9.67
CA LEU B 29 -11.69 3.65 8.64
C LEU B 29 -12.96 4.29 9.17
N SER B 30 -13.37 3.94 10.39
CA SER B 30 -14.57 4.53 10.97
C SER B 30 -14.40 6.04 11.13
N ARG B 31 -13.22 6.48 11.57
CA ARG B 31 -12.96 7.90 11.69
C ARG B 31 -13.04 8.60 10.34
N ALA B 32 -12.45 7.98 9.30
CA ALA B 32 -12.51 8.58 7.98
C ALA B 32 -13.94 8.69 7.47
N VAL B 33 -14.73 7.62 7.63
CA VAL B 33 -16.10 7.63 7.16
C VAL B 33 -16.92 8.65 7.93
N ARG B 34 -16.73 8.73 9.25
CA ARG B 34 -17.49 9.69 10.05
C ARG B 34 -17.12 11.11 9.66
N ASN B 35 -15.84 11.38 9.40
CA ASN B 35 -15.43 12.71 8.98
C ASN B 35 -16.02 13.07 7.62
N GLN B 36 -16.01 12.11 6.69
CA GLN B 36 -16.58 12.37 5.37
C GLN B 36 -18.09 12.63 5.46
N LEU B 37 -18.78 11.86 6.28
CA LEU B 37 -20.22 12.08 6.45
C LEU B 37 -20.49 13.43 7.12
N ARG B 38 -19.65 13.83 8.06
CA ARG B 38 -19.82 15.13 8.69
C ARG B 38 -19.59 16.26 7.68
N LEU B 39 -18.64 16.08 6.77
CA LEU B 39 -18.40 17.09 5.76
C LEU B 39 -19.58 17.27 4.81
N ASN B 40 -20.38 16.22 4.61
CA ASN B 40 -21.53 16.28 3.72
C ASN B 40 -22.81 16.70 4.44
N GLY B 41 -22.73 17.06 5.71
CA GLY B 41 -23.90 17.50 6.44
C GLY B 41 -24.81 16.39 6.88
N VAL B 42 -24.26 15.21 7.17
CA VAL B 42 -25.05 14.04 7.56
C VAL B 42 -25.07 13.95 9.07
N GLU B 43 -26.25 13.76 9.64
CA GLU B 43 -26.41 13.65 11.08
C GLU B 43 -26.25 12.19 11.49
N LEU B 44 -25.19 11.90 12.26
CA LEU B 44 -24.87 10.55 12.67
C LEU B 44 -25.50 10.25 14.03
N LEU B 45 -26.16 9.10 14.13
CA LEU B 45 -26.83 8.68 15.34
C LEU B 45 -26.12 7.46 15.94
N ASP B 46 -26.32 7.26 17.23
CA ASP B 46 -25.83 6.06 17.89
C ASP B 46 -26.77 4.90 17.54
N LYS B 47 -26.21 3.68 17.57
CA LYS B 47 -27.01 2.51 17.23
C LYS B 47 -28.08 2.19 18.26
N GLU B 48 -28.05 2.82 19.43
CA GLU B 48 -29.04 2.58 20.47
C GLU B 48 -30.16 3.60 20.49
N THR B 49 -30.17 4.55 19.55
CA THR B 49 -31.22 5.54 19.51
C THR B 49 -32.55 4.90 19.12
N THR B 50 -33.63 5.53 19.57
CA THR B 50 -34.99 5.03 19.35
C THR B 50 -35.60 5.52 18.04
N ARG B 51 -34.92 6.41 17.32
CA ARG B 51 -35.47 6.89 16.06
C ARG B 51 -35.49 5.78 15.03
N LYS B 52 -36.62 5.60 14.37
CA LYS B 52 -36.80 4.58 13.36
C LYS B 52 -36.90 5.20 11.97
N ASP B 53 -36.94 4.35 10.96
CA ASP B 53 -36.86 4.76 9.56
C ASP B 53 -35.58 5.54 9.30
N VAL B 54 -34.51 5.19 10.01
CA VAL B 54 -33.19 5.79 9.84
C VAL B 54 -32.29 4.75 9.19
N PRO B 55 -31.80 4.98 7.97
CA PRO B 55 -30.92 4.00 7.34
C PRO B 55 -29.63 3.84 8.15
N SER B 56 -29.08 2.63 8.10
CA SER B 56 -27.88 2.29 8.85
C SER B 56 -26.76 1.97 7.88
N LEU B 57 -25.55 2.38 8.22
CA LEU B 57 -24.35 2.08 7.44
C LEU B 57 -23.44 1.21 8.30
N ARG B 58 -23.36 -0.07 7.96
CA ARG B 58 -22.55 -1.02 8.72
C ARG B 58 -21.28 -1.30 7.94
N LEU B 59 -20.14 -0.90 8.49
CA LEU B 59 -18.86 -1.19 7.87
C LEU B 59 -18.40 -2.59 8.22
N GLY B 60 -17.75 -3.24 7.26
CA GLY B 60 -17.34 -4.62 7.45
C GLY B 60 -15.85 -4.85 7.36
N LYS B 61 -15.47 -5.91 6.64
CA LYS B 61 -14.07 -6.28 6.57
C LYS B 61 -13.25 -5.22 5.83
N VAL B 62 -12.05 -4.97 6.32
CA VAL B 62 -11.08 -4.12 5.66
C VAL B 62 -9.80 -4.91 5.46
N SER B 63 -9.33 -4.98 4.22
CA SER B 63 -8.12 -5.73 3.88
C SER B 63 -7.12 -4.78 3.24
N ILE B 64 -5.90 -4.77 3.77
CA ILE B 64 -4.80 -4.01 3.18
C ILE B 64 -3.72 -5.00 2.78
N ALA B 65 -3.30 -4.93 1.52
CA ALA B 65 -2.30 -5.84 0.98
C ALA B 65 -1.14 -5.06 0.40
N LYS B 66 0.08 -5.54 0.63
CA LYS B 66 1.28 -4.96 0.02
C LYS B 66 1.96 -6.05 -0.80
N ASP B 67 2.07 -5.82 -2.11
CA ASP B 67 2.66 -6.80 -3.01
C ASP B 67 3.74 -6.13 -3.85
N THR B 68 4.54 -6.96 -4.50
CA THR B 68 5.60 -6.49 -5.39
C THR B 68 5.01 -6.33 -6.78
N ALA B 69 5.01 -5.10 -7.29
CA ALA B 69 4.51 -4.83 -8.63
C ALA B 69 5.57 -5.00 -9.70
N SER B 70 6.82 -4.64 -9.40
CA SER B 70 7.91 -4.78 -10.35
C SER B 70 9.19 -5.09 -9.60
N VAL B 71 10.14 -5.67 -10.31
CA VAL B 71 11.41 -6.07 -9.72
C VAL B 71 12.56 -5.51 -10.54
N PHE B 72 13.72 -5.38 -9.90
CA PHE B 72 14.92 -4.95 -10.58
C PHE B 72 15.55 -6.14 -11.30
N ARG B 73 16.70 -5.91 -11.94
CA ARG B 73 17.37 -6.99 -12.66
C ARG B 73 17.92 -8.06 -11.74
N ASN B 74 18.07 -7.77 -10.46
CA ASN B 74 18.54 -8.75 -9.50
C ASN B 74 17.40 -9.47 -8.79
N GLY B 75 16.16 -9.20 -9.16
CA GLY B 75 15.02 -9.83 -8.53
C GLY B 75 14.54 -9.16 -7.27
N GLN B 76 15.12 -8.02 -6.90
CA GLN B 76 14.69 -7.31 -5.70
C GLN B 76 13.52 -6.39 -6.02
N THR B 77 12.67 -6.16 -5.03
CA THR B 77 11.51 -5.31 -5.23
C THR B 77 11.93 -3.91 -5.63
N ALA B 78 11.29 -3.37 -6.66
CA ALA B 78 11.44 -1.97 -7.02
C ALA B 78 10.22 -1.15 -6.62
N GLU B 79 9.03 -1.65 -6.93
CA GLU B 79 7.79 -0.94 -6.68
C GLU B 79 6.86 -1.83 -5.86
N TYR B 80 6.29 -1.28 -4.80
CA TYR B 80 5.27 -1.94 -4.01
C TYR B 80 3.91 -1.37 -4.37
N GLN B 81 2.94 -2.26 -4.56
CA GLN B 81 1.56 -1.88 -4.76
C GLN B 81 0.77 -2.21 -3.50
N MET B 82 0.05 -1.24 -2.97
CA MET B 82 -0.81 -1.42 -1.82
C MET B 82 -2.26 -1.36 -2.25
N ILE B 83 -3.05 -2.30 -1.74
CA ILE B 83 -4.44 -2.50 -2.08
C ILE B 83 -5.26 -2.33 -0.82
N MET B 84 -6.27 -1.47 -0.87
CA MET B 84 -7.24 -1.36 0.21
C MET B 84 -8.60 -1.79 -0.29
N THR B 85 -9.20 -2.77 0.37
CA THR B 85 -10.53 -3.25 0.06
C THR B 85 -11.42 -3.08 1.28
N VAL B 86 -12.54 -2.40 1.09
CA VAL B 86 -13.50 -2.12 2.15
C VAL B 86 -14.86 -2.63 1.70
N ASN B 87 -15.52 -3.41 2.55
CA ASN B 87 -16.86 -3.89 2.29
C ASN B 87 -17.79 -3.30 3.34
N ALA B 88 -18.85 -2.63 2.88
CA ALA B 88 -19.83 -2.04 3.78
C ALA B 88 -21.21 -2.42 3.28
N THR B 89 -22.22 -2.11 4.09
CA THR B 89 -23.59 -2.38 3.69
C THR B 89 -24.48 -1.28 4.24
N VAL B 90 -25.58 -1.03 3.55
CA VAL B 90 -26.56 -0.03 3.96
C VAL B 90 -27.90 -0.73 4.15
N LEU B 91 -28.43 -0.65 5.36
CA LEU B 91 -29.74 -1.21 5.66
C LEU B 91 -30.75 -0.08 5.63
N ILE B 92 -31.66 -0.14 4.66
CA ILE B 92 -32.86 0.70 4.65
C ILE B 92 -33.94 -0.09 5.37
N PRO B 93 -34.45 0.40 6.51
CA PRO B 93 -35.11 -0.50 7.46
C PRO B 93 -36.35 -1.17 6.91
N GLY B 94 -37.25 -0.39 6.33
CA GLY B 94 -38.42 -0.99 5.70
C GLY B 94 -38.06 -1.83 4.49
N ARG B 95 -37.14 -1.33 3.66
CA ARG B 95 -36.97 -1.92 2.33
C ARG B 95 -36.04 -3.12 2.32
N ASP B 96 -34.74 -2.92 2.56
CA ASP B 96 -33.80 -3.97 2.14
C ASP B 96 -32.36 -3.61 2.52
N ILE B 97 -31.44 -4.55 2.34
CA ILE B 97 -30.02 -4.40 2.63
C ILE B 97 -29.25 -4.37 1.31
N TYR B 98 -28.47 -3.32 1.09
CA TYR B 98 -27.69 -3.15 -0.14
C TYR B 98 -26.21 -3.14 0.18
N PRO B 99 -25.40 -4.02 -0.38
CA PRO B 99 -23.97 -4.01 -0.09
C PRO B 99 -23.16 -3.19 -1.09
N ILE B 100 -22.15 -2.51 -0.57
CA ILE B 100 -21.26 -1.67 -1.36
C ILE B 100 -19.82 -1.98 -0.99
N SER B 101 -18.90 -1.56 -1.86
CA SER B 101 -17.49 -1.85 -1.69
C SER B 101 -16.66 -0.67 -2.16
N ALA B 102 -15.38 -0.71 -1.80
CA ALA B 102 -14.41 0.27 -2.25
C ALA B 102 -13.05 -0.40 -2.38
N LYS B 103 -12.35 -0.10 -3.48
CA LYS B 103 -11.00 -0.61 -3.68
C LYS B 103 -10.09 0.53 -4.10
N VAL B 104 -8.99 0.68 -3.38
CA VAL B 104 -8.05 1.77 -3.55
C VAL B 104 -6.69 1.20 -3.90
N PHE B 105 -6.04 1.79 -4.91
CA PHE B 105 -4.77 1.34 -5.44
C PHE B 105 -3.74 2.43 -5.17
N ARG B 106 -2.61 2.07 -4.55
CA ARG B 106 -1.52 3.02 -4.43
C ARG B 106 -0.20 2.29 -4.67
N SER B 107 0.84 3.06 -4.96
CA SER B 107 2.15 2.49 -5.24
C SER B 107 3.22 3.36 -4.62
N PHE B 108 4.36 2.74 -4.31
CA PHE B 108 5.52 3.49 -3.85
C PHE B 108 6.77 2.65 -4.05
N PHE B 109 7.89 3.33 -4.28
CA PHE B 109 9.16 2.68 -4.53
C PHE B 109 9.84 2.30 -3.22
N ASP B 110 10.63 1.25 -3.27
CA ASP B 110 11.36 0.77 -2.10
C ASP B 110 12.74 1.40 -2.03
N ASN B 111 13.31 1.40 -0.84
CA ASN B 111 14.66 1.92 -0.61
C ASN B 111 15.19 1.27 0.66
N PRO B 112 15.93 0.17 0.54
CA PRO B 112 16.47 -0.47 1.75
C PRO B 112 17.41 0.41 2.55
N GLN B 113 18.07 1.38 1.91
CA GLN B 113 18.98 2.25 2.64
C GLN B 113 18.24 3.21 3.55
N MET B 114 16.97 3.48 3.27
CA MET B 114 16.15 4.39 4.05
C MET B 114 14.89 3.70 4.53
N ALA B 115 15.04 2.45 5.00
CA ALA B 115 13.88 1.61 5.31
C ALA B 115 12.95 2.30 6.30
N LEU B 116 13.50 2.84 7.39
CA LEU B 116 12.69 3.57 8.36
C LEU B 116 11.87 4.64 7.66
N ALA B 117 12.53 5.48 6.86
CA ALA B 117 11.81 6.52 6.13
C ALA B 117 10.68 5.90 5.32
N LYS B 118 11.00 4.84 4.57
CA LYS B 118 9.98 4.21 3.73
C LYS B 118 8.80 3.76 4.56
N ASP B 119 9.06 3.20 5.74
CA ASP B 119 7.98 2.75 6.60
C ASP B 119 7.03 3.89 6.90
N ASN B 120 7.57 5.05 7.28
CA ASN B 120 6.72 6.20 7.54
C ASN B 120 5.91 6.55 6.31
N GLU B 121 6.56 6.57 5.15
CA GLU B 121 5.83 6.80 3.91
C GLU B 121 4.66 5.84 3.80
N GLN B 122 4.92 4.54 4.01
CA GLN B 122 3.86 3.55 3.94
C GLN B 122 2.70 3.94 4.85
N ASP B 123 3.02 4.28 6.10
CA ASP B 123 1.97 4.67 7.04
C ASP B 123 1.15 5.80 6.47
N MET B 124 1.82 6.84 5.97
CA MET B 124 1.11 7.98 5.42
C MET B 124 0.21 7.54 4.28
N ILE B 125 0.72 6.69 3.39
CA ILE B 125 -0.09 6.21 2.28
C ILE B 125 -1.35 5.54 2.80
N VAL B 126 -1.21 4.70 3.82
CA VAL B 126 -2.38 4.02 4.37
C VAL B 126 -3.37 5.04 4.89
N LYS B 127 -2.89 6.05 5.61
CA LYS B 127 -3.78 7.08 6.12
C LYS B 127 -4.52 7.78 5.00
N GLU B 128 -3.90 7.89 3.82
CA GLU B 128 -4.59 8.48 2.68
C GLU B 128 -5.63 7.53 2.11
N MET B 129 -5.28 6.23 2.00
CA MET B 129 -6.18 5.30 1.35
C MET B 129 -7.51 5.22 2.07
N TYR B 130 -7.48 5.22 3.41
CA TYR B 130 -8.72 5.26 4.18
C TYR B 130 -9.60 6.41 3.73
N ASP B 131 -9.04 7.61 3.62
CA ASP B 131 -9.82 8.74 3.12
C ASP B 131 -10.28 8.47 1.70
N ARG B 132 -9.41 7.94 0.85
CA ARG B 132 -9.81 7.61 -0.50
C ARG B 132 -10.87 6.52 -0.51
N ALA B 133 -10.86 5.65 0.51
CA ALA B 133 -11.85 4.60 0.57
C ALA B 133 -13.16 5.11 1.14
N ALA B 134 -13.15 6.31 1.72
CA ALA B 134 -14.37 6.82 2.37
C ALA B 134 -15.20 7.56 1.32
N GLU B 135 -14.58 8.51 0.62
CA GLU B 135 -15.29 9.27 -0.44
C GLU B 135 -15.87 8.26 -1.45
N GLN B 136 -15.13 7.22 -1.78
CA GLN B 136 -15.62 6.17 -2.73
C GLN B 136 -16.97 5.64 -2.22
N LEU B 137 -17.06 5.31 -0.93
CA LEU B 137 -18.30 4.74 -0.36
C LEU B 137 -19.43 5.77 -0.40
N ILE B 138 -19.19 7.01 0.07
CA ILE B 138 -20.26 8.00 -0.02
C ILE B 138 -20.68 8.21 -1.47
N ARG B 139 -19.74 8.13 -2.41
CA ARG B 139 -20.10 8.31 -3.81
C ARG B 139 -21.05 7.24 -4.32
N LYS B 140 -21.15 6.10 -3.63
CA LYS B 140 -22.07 5.04 -4.02
C LYS B 140 -23.42 5.14 -3.33
N LEU B 141 -23.60 6.10 -2.44
CA LEU B 141 -24.91 6.28 -1.81
C LEU B 141 -26.01 6.64 -2.80
N PRO B 142 -25.83 7.57 -3.74
CA PRO B 142 -26.92 7.82 -4.71
C PRO B 142 -27.31 6.61 -5.52
N SER B 143 -26.37 5.69 -5.77
CA SER B 143 -26.72 4.46 -6.46
C SER B 143 -27.66 3.60 -5.65
N ILE B 144 -27.48 3.56 -4.34
CA ILE B 144 -28.38 2.81 -3.47
C ILE B 144 -29.78 3.40 -3.49
N ARG B 145 -29.88 4.74 -3.43
CA ARG B 145 -31.18 5.39 -3.48
C ARG B 145 -31.91 5.09 -4.78
N ALA B 146 -31.17 5.09 -5.90
CA ALA B 146 -31.77 4.74 -7.18
C ALA B 146 -32.25 3.29 -7.19
N ALA B 147 -31.47 2.38 -6.62
CA ALA B 147 -31.91 0.99 -6.55
C ALA B 147 -33.11 0.83 -5.62
N ASP B 148 -33.19 1.64 -4.58
CA ASP B 148 -34.35 1.60 -3.70
C ASP B 148 -35.63 2.01 -4.41
N ILE B 149 -35.56 3.08 -5.21
CA ILE B 149 -36.74 3.56 -5.91
C ILE B 149 -37.16 2.55 -6.97
N ARG B 150 -36.20 1.91 -7.64
CA ARG B 150 -36.53 0.96 -8.69
C ARG B 150 -37.36 -0.20 -8.15
N SER B 151 -36.98 -0.74 -7.00
CA SER B 151 -37.72 -1.84 -6.40
C SER B 151 -38.78 -1.33 -5.45
N ALA C 1 -24.01 5.94 -29.54
CA ALA C 1 -23.15 5.37 -28.50
C ALA C 1 -21.70 5.83 -28.69
N CYS C 2 -21.53 7.02 -29.27
CA CYS C 2 -20.20 7.53 -29.51
C CYS C 2 -19.50 7.89 -28.21
N GLU C 3 -18.53 7.06 -27.83
CA GLU C 3 -17.82 7.22 -26.57
C GLU C 3 -16.91 8.44 -26.55
N TRP C 4 -16.44 8.88 -27.70
CA TRP C 4 -15.51 10.00 -27.77
C TRP C 4 -16.19 11.33 -27.57
N CYS C 5 -17.52 11.31 -27.38
CA CYS C 5 -18.28 12.50 -27.02
C CYS C 5 -17.90 13.02 -25.64
N ILE C 6 -17.14 12.23 -24.86
CA ILE C 6 -16.80 12.61 -23.49
C ILE C 6 -15.92 13.86 -23.50
N PHE C 7 -14.92 13.88 -24.37
CA PHE C 7 -13.98 14.99 -24.44
C PHE C 7 -14.43 16.11 -25.36
N TRP C 8 -15.52 15.92 -26.09
CA TRP C 8 -16.03 16.98 -26.95
C TRP C 8 -17.53 16.77 -27.14
N TYR C 9 -18.33 17.69 -26.64
CA TYR C 9 -19.77 17.66 -26.83
C TYR C 9 -20.28 19.08 -26.73
N ASP C 10 -21.25 19.42 -27.58
CA ASP C 10 -21.81 20.74 -27.54
C ASP C 10 -23.26 20.60 -27.95
N PRO C 11 -24.21 21.10 -27.15
CA PRO C 11 -25.63 20.85 -27.44
C PRO C 11 -26.09 21.29 -28.82
N LYS C 12 -25.65 22.46 -29.32
CA LYS C 12 -26.21 22.90 -30.59
C LYS C 12 -25.59 22.19 -31.78
N LEU C 13 -24.49 21.46 -31.58
CA LEU C 13 -23.97 20.59 -32.63
C LEU C 13 -24.98 19.50 -32.97
N CYS C 14 -25.63 18.94 -31.94
CA CYS C 14 -26.66 17.94 -32.17
C CYS C 14 -27.83 18.52 -32.96
N ALA C 15 -28.34 19.66 -32.53
CA ALA C 15 -29.47 20.31 -33.18
C ALA C 15 -29.55 21.79 -32.80
#